data_9EIR
#
_entry.id   9EIR
#
_cell.length_a   101.599
_cell.length_b   115.880
_cell.length_c   142.050
_cell.angle_alpha   90.00
_cell.angle_beta   90.00
_cell.angle_gamma   90.00
#
_symmetry.space_group_name_H-M   'P 21 21 21'
#
_entity_poly.entity_id   1
_entity_poly.type   'polypeptide(L)'
_entity_poly.pdbx_seq_one_letter_code
;MFSHRSVSIALRPPGLCHITFRQAYPILLTRQQTKSLTTTTAPSNLGSTMPPNYVARVGQLKTFTLPETATGSPSDVELG
KAMINAWREDGILQVSMSPRQQALFENASAASKRFFAMPPNQKAACVDTQSYAGYIASGEEITDGIADYSEIFTVTKDLP
LDEPRVEAKWPCHGPCPWPDVDMRTPIQQYMDSLGKSGETLLQMIEYGLSLHPDTLTSLTKDGWHHLRILRFPQNNKTNG
RGKKGRGIGSHTDYGLLVIAAQDEVGGLFIRPPADDEKLENWKNSAAGFREDDERWVYVPPVPGVFTVFPGDIMQFMTNS
YLPSTPHKVGLNTRERFAFAYFHEPSFQAVVSPVAKLYDGQPPVEKIHYGTHFTNMFMRNYPDRITTERIIKEDRLQLLD
RPELRTQ
;
_entity_poly.pdbx_strand_id   A,B,C,D
#
# COMPACT_ATOMS: atom_id res chain seq x y z
N SER A 48 1.63 6.41 -32.24
CA SER A 48 2.24 6.41 -30.92
C SER A 48 3.69 5.95 -30.98
N THR A 49 4.54 6.55 -30.14
CA THR A 49 5.94 6.18 -30.04
C THR A 49 6.18 5.10 -28.99
N MET A 50 5.17 4.31 -28.66
CA MET A 50 5.29 3.31 -27.61
C MET A 50 6.14 2.14 -28.09
N PRO A 51 7.04 1.62 -27.26
CA PRO A 51 7.82 0.47 -27.65
C PRO A 51 6.92 -0.73 -27.89
N PRO A 52 7.31 -1.64 -28.77
CA PRO A 52 6.45 -2.78 -29.09
C PRO A 52 6.37 -3.77 -27.94
N ASN A 53 5.35 -4.63 -28.01
CA ASN A 53 5.08 -5.71 -27.08
C ASN A 53 4.79 -5.23 -25.67
N TYR A 54 4.50 -3.94 -25.49
CA TYR A 54 4.15 -3.38 -24.19
C TYR A 54 2.71 -2.88 -24.22
N VAL A 55 2.02 -3.04 -23.09
CA VAL A 55 0.62 -2.65 -22.95
C VAL A 55 0.52 -1.65 -21.81
N ALA A 56 0.13 -0.42 -22.13
CA ALA A 56 -0.02 0.63 -21.13
C ALA A 56 -0.96 1.69 -21.67
N ARG A 57 -1.47 2.51 -20.76
CA ARG A 57 -2.38 3.59 -21.10
C ARG A 57 -1.61 4.88 -21.34
N VAL A 58 -2.07 5.66 -22.32
CA VAL A 58 -1.43 6.93 -22.62
C VAL A 58 -1.76 7.94 -21.52
N GLY A 59 -0.75 8.68 -21.06
CA GLY A 59 -0.92 9.60 -19.96
C GLY A 59 -1.27 11.00 -20.42
N GLN A 60 -2.31 11.58 -19.80
CA GLN A 60 -2.70 12.96 -20.06
C GLN A 60 -2.24 13.80 -18.87
N LEU A 61 -0.97 14.15 -18.88
CA LEU A 61 -0.35 14.86 -17.77
C LEU A 61 -0.57 16.36 -17.88
N LYS A 62 -0.61 17.01 -16.72
CA LYS A 62 -0.75 18.47 -16.68
C LYS A 62 0.63 19.11 -16.81
N THR A 63 0.69 20.21 -17.57
CA THR A 63 1.93 20.92 -17.82
C THR A 63 1.86 22.30 -17.16
N PHE A 64 2.90 22.67 -16.43
CA PHE A 64 2.97 23.93 -15.72
C PHE A 64 4.23 24.69 -16.12
N THR A 65 4.32 25.94 -15.67
CA THR A 65 5.48 26.78 -15.89
C THR A 65 5.95 27.30 -14.54
N LEU A 66 7.15 26.90 -14.14
CA LEU A 66 7.67 27.33 -12.85
C LEU A 66 8.08 28.79 -12.90
N PRO A 67 7.80 29.57 -11.86
CA PRO A 67 8.26 30.96 -11.82
C PRO A 67 9.76 31.03 -11.63
N GLU A 68 10.32 32.16 -12.04
CA GLU A 68 11.76 32.35 -11.93
C GLU A 68 12.21 32.45 -10.48
N THR A 69 11.34 32.94 -9.59
CA THR A 69 11.70 33.07 -8.19
C THR A 69 10.45 32.89 -7.33
N ALA A 70 10.46 31.87 -6.48
CA ALA A 70 9.34 31.65 -5.56
C ALA A 70 9.38 32.69 -4.45
N THR A 71 8.33 33.49 -4.34
CA THR A 71 8.28 34.58 -3.37
C THR A 71 7.17 34.42 -2.35
N GLY A 72 6.37 33.36 -2.42
CA GLY A 72 5.25 33.20 -1.52
C GLY A 72 4.01 33.96 -1.92
N SER A 73 3.95 34.46 -3.16
CA SER A 73 2.79 35.18 -3.63
C SER A 73 1.59 34.25 -3.76
N PRO A 74 0.38 34.81 -3.81
CA PRO A 74 -0.80 33.96 -4.03
C PRO A 74 -0.73 33.12 -5.29
N SER A 75 0.03 33.56 -6.29
CA SER A 75 0.24 32.75 -7.49
C SER A 75 1.07 31.51 -7.19
N ASP A 76 2.02 31.61 -6.25
CA ASP A 76 2.84 30.46 -5.90
C ASP A 76 2.07 29.45 -5.06
N VAL A 77 1.18 29.93 -4.18
CA VAL A 77 0.38 29.03 -3.36
C VAL A 77 -0.62 28.27 -4.22
N GLU A 78 -1.25 28.96 -5.18
CA GLU A 78 -2.20 28.28 -6.06
C GLU A 78 -1.49 27.32 -7.01
N LEU A 79 -0.28 27.68 -7.46
CA LEU A 79 0.48 26.78 -8.32
C LEU A 79 0.97 25.56 -7.55
N GLY A 80 1.37 25.74 -6.30
CA GLY A 80 1.83 24.61 -5.50
C GLY A 80 0.73 23.62 -5.20
N LYS A 81 -0.46 24.12 -4.88
CA LYS A 81 -1.59 23.21 -4.61
C LYS A 81 -2.02 22.48 -5.87
N ALA A 82 -1.91 23.11 -7.04
CA ALA A 82 -2.27 22.43 -8.29
C ALA A 82 -1.27 21.34 -8.64
N MET A 83 0.01 21.55 -8.32
CA MET A 83 1.01 20.51 -8.60
C MET A 83 0.82 19.32 -7.67
N ILE A 84 0.43 19.57 -6.41
CA ILE A 84 0.24 18.47 -5.47
C ILE A 84 -0.94 17.60 -5.91
N ASN A 85 -2.05 18.22 -6.33
CA ASN A 85 -3.19 17.45 -6.80
C ASN A 85 -2.85 16.65 -8.05
N ALA A 86 -1.95 17.16 -8.89
CA ALA A 86 -1.53 16.41 -10.07
C ALA A 86 -0.68 15.20 -9.68
N TRP A 87 0.15 15.33 -8.64
CA TRP A 87 0.96 14.21 -8.19
C TRP A 87 0.12 13.15 -7.48
N ARG A 88 -0.95 13.57 -6.81
CA ARG A 88 -1.80 12.61 -6.09
C ARG A 88 -2.76 11.88 -7.01
N GLU A 89 -3.07 12.45 -8.18
CA GLU A 89 -4.01 11.85 -9.12
C GLU A 89 -3.30 11.05 -10.22
N ASP A 90 -2.31 11.64 -10.88
CA ASP A 90 -1.59 10.98 -11.96
C ASP A 90 -0.21 10.46 -11.55
N GLY A 91 0.36 10.97 -10.47
CA GLY A 91 1.67 10.54 -10.03
C GLY A 91 2.83 11.21 -10.72
N ILE A 92 2.58 12.08 -11.70
CA ILE A 92 3.65 12.69 -12.48
C ILE A 92 3.08 13.90 -13.21
N LEU A 93 3.88 14.96 -13.29
CA LEU A 93 3.52 16.17 -14.00
C LEU A 93 4.68 16.61 -14.87
N GLN A 94 4.38 17.50 -15.82
CA GLN A 94 5.37 18.05 -16.73
C GLN A 94 5.52 19.55 -16.49
N VAL A 95 6.72 20.07 -16.73
CA VAL A 95 7.03 21.47 -16.55
C VAL A 95 7.68 21.98 -17.83
N SER A 96 7.21 23.13 -18.32
CA SER A 96 7.73 23.69 -19.55
C SER A 96 9.15 24.20 -19.34
N MET A 97 10.05 23.85 -20.28
CA MET A 97 11.42 24.33 -20.24
C MET A 97 11.48 25.78 -20.67
N SER A 98 12.31 26.56 -19.98
CA SER A 98 12.61 27.90 -20.45
C SER A 98 13.46 27.82 -21.71
N PRO A 99 13.32 28.79 -22.63
CA PRO A 99 14.13 28.75 -23.86
C PRO A 99 15.62 28.76 -23.60
N ARG A 100 16.06 29.31 -22.47
CA ARG A 100 17.47 29.21 -22.11
C ARG A 100 17.81 27.80 -21.64
N GLN A 101 16.88 27.15 -20.93
CA GLN A 101 17.09 25.77 -20.53
C GLN A 101 17.08 24.83 -21.73
N GLN A 102 16.30 25.15 -22.77
CA GLN A 102 16.28 24.32 -23.96
C GLN A 102 17.63 24.32 -24.66
N ALA A 103 18.35 25.44 -24.61
CA ALA A 103 19.68 25.49 -25.20
C ALA A 103 20.66 24.62 -24.43
N LEU A 104 20.55 24.61 -23.09
CA LEU A 104 21.41 23.77 -22.29
C LEU A 104 21.10 22.30 -22.46
N PHE A 105 19.82 21.96 -22.67
CA PHE A 105 19.45 20.58 -22.92
C PHE A 105 20.00 20.10 -24.26
N GLU A 106 20.03 20.98 -25.27
CA GLU A 106 20.57 20.59 -26.57
C GLU A 106 22.07 20.42 -26.50
N ASN A 107 22.77 21.28 -25.75
CA ASN A 107 24.21 21.12 -25.59
C ASN A 107 24.54 19.85 -24.80
N ALA A 108 23.77 19.56 -23.75
CA ALA A 108 23.99 18.34 -22.99
C ALA A 108 23.67 17.10 -23.80
N SER A 109 22.61 17.17 -24.63
CA SER A 109 22.28 16.05 -25.50
C SER A 109 23.35 15.82 -26.56
N ALA A 110 23.98 16.89 -27.05
CA ALA A 110 25.06 16.74 -28.02
C ALA A 110 26.29 16.12 -27.38
N ALA A 111 26.61 16.53 -26.15
CA ALA A 111 27.75 15.94 -25.46
C ALA A 111 27.48 14.49 -25.07
N SER A 112 26.21 14.12 -24.90
CA SER A 112 25.88 12.73 -24.60
C SER A 112 26.16 11.83 -25.79
N LYS A 113 25.68 12.23 -26.98
CA LYS A 113 25.88 11.41 -28.17
C LYS A 113 27.37 11.37 -28.56
N ARG A 114 28.11 12.44 -28.29
CA ARG A 114 29.54 12.43 -28.59
C ARG A 114 30.28 11.45 -27.68
N PHE A 115 29.84 11.33 -26.43
CA PHE A 115 30.49 10.41 -25.50
C PHE A 115 30.21 8.96 -25.87
N PHE A 116 28.94 8.64 -26.17
CA PHE A 116 28.58 7.27 -26.51
C PHE A 116 29.09 6.84 -27.88
N ALA A 117 29.62 7.78 -28.68
CA ALA A 117 30.22 7.42 -29.96
C ALA A 117 31.68 7.03 -29.84
N MET A 118 32.26 7.14 -28.64
CA MET A 118 33.65 6.77 -28.42
C MET A 118 33.81 5.25 -28.40
N PRO A 119 35.02 4.75 -28.62
CA PRO A 119 35.22 3.30 -28.57
C PRO A 119 34.88 2.76 -27.19
N PRO A 120 34.53 1.47 -27.10
CA PRO A 120 34.12 0.91 -25.81
C PRO A 120 35.21 0.92 -24.76
N ASN A 121 36.47 0.67 -25.15
CA ASN A 121 37.55 0.66 -24.17
C ASN A 121 37.87 2.05 -23.66
N GLN A 122 37.61 3.08 -24.46
CA GLN A 122 37.82 4.45 -24.01
C GLN A 122 36.74 4.88 -23.03
N LYS A 123 35.52 4.33 -23.17
CA LYS A 123 34.46 4.63 -22.23
C LYS A 123 34.57 3.79 -20.96
N ALA A 124 35.01 2.54 -21.10
CA ALA A 124 35.15 1.67 -19.93
C ALA A 124 36.23 2.15 -18.97
N ALA A 125 37.12 3.03 -19.43
CA ALA A 125 38.18 3.59 -18.60
C ALA A 125 37.72 4.77 -17.76
N CYS A 126 36.44 5.12 -17.82
CA CYS A 126 35.90 6.25 -17.06
C CYS A 126 35.30 5.74 -15.75
N VAL A 127 36.20 5.30 -14.86
CA VAL A 127 35.83 4.81 -13.55
C VAL A 127 36.72 5.46 -12.51
N ASP A 128 36.16 5.70 -11.33
CA ASP A 128 36.86 6.34 -10.23
C ASP A 128 36.80 5.44 -9.00
N THR A 129 37.89 5.42 -8.23
CA THR A 129 37.98 4.57 -7.06
C THR A 129 37.32 5.18 -5.83
N GLN A 130 37.10 6.50 -5.82
CA GLN A 130 36.52 7.17 -4.67
C GLN A 130 35.07 7.59 -4.88
N SER A 131 34.64 7.79 -6.12
CA SER A 131 33.27 8.19 -6.43
C SER A 131 32.63 7.15 -7.33
N TYR A 132 31.31 6.96 -7.14
CA TYR A 132 30.55 6.02 -7.95
C TYR A 132 30.20 6.57 -9.32
N ALA A 133 30.48 7.85 -9.58
CA ALA A 133 30.23 8.42 -10.90
C ALA A 133 31.15 7.78 -11.93
N GLY A 134 30.70 7.78 -13.18
CA GLY A 134 31.45 7.24 -14.29
C GLY A 134 30.61 6.34 -15.15
N TYR A 135 31.27 5.59 -16.03
CA TYR A 135 30.61 4.75 -17.01
C TYR A 135 30.30 3.37 -16.45
N ILE A 136 29.08 2.90 -16.71
CA ILE A 136 28.66 1.55 -16.36
C ILE A 136 28.01 0.94 -17.59
N ALA A 137 28.45 -0.25 -17.98
CA ALA A 137 27.95 -0.88 -19.19
C ALA A 137 26.95 -1.99 -18.84
N SER A 138 26.43 -2.62 -19.89
CA SER A 138 25.53 -3.77 -19.78
C SER A 138 26.14 -5.06 -20.29
N GLY A 139 26.80 -5.02 -21.44
CA GLY A 139 27.40 -6.21 -22.02
C GLY A 139 28.91 -6.09 -22.17
N GLY A 145 26.01 -5.62 -34.60
CA GLY A 145 26.52 -4.72 -35.62
C GLY A 145 27.04 -3.40 -35.06
N ILE A 146 26.13 -2.58 -34.56
CA ILE A 146 26.48 -1.29 -33.99
C ILE A 146 26.67 -1.44 -32.48
N ALA A 147 25.56 -1.59 -31.76
CA ALA A 147 25.60 -1.77 -30.32
C ALA A 147 24.31 -2.46 -29.87
N ASP A 148 24.38 -3.06 -28.68
CA ASP A 148 23.23 -3.78 -28.14
C ASP A 148 23.34 -3.91 -26.62
N TYR A 149 23.53 -2.79 -25.94
CA TYR A 149 23.60 -2.81 -24.48
C TYR A 149 23.23 -1.43 -23.94
N SER A 150 22.67 -1.41 -22.75
CA SER A 150 22.24 -0.18 -22.09
C SER A 150 23.42 0.44 -21.37
N GLU A 151 23.80 1.64 -21.76
CA GLU A 151 24.97 2.32 -21.21
C GLU A 151 24.52 3.50 -20.36
N ILE A 152 25.22 3.71 -19.23
CA ILE A 152 24.90 4.75 -18.29
C ILE A 152 26.18 5.46 -17.87
N PHE A 153 26.11 6.78 -17.74
CA PHE A 153 27.23 7.59 -17.25
C PHE A 153 26.69 8.46 -16.11
N THR A 154 26.98 8.04 -14.88
CA THR A 154 26.52 8.79 -13.72
C THR A 154 27.50 9.92 -13.40
N VAL A 155 26.95 11.04 -12.96
CA VAL A 155 27.74 12.22 -12.61
C VAL A 155 27.29 12.66 -11.22
N THR A 156 28.06 12.28 -10.20
CA THR A 156 27.80 12.69 -8.83
C THR A 156 28.47 14.04 -8.59
N LYS A 157 28.60 14.42 -7.33
CA LYS A 157 29.25 15.68 -6.99
C LYS A 157 30.73 15.60 -7.33
N ASP A 158 31.19 16.48 -8.21
CA ASP A 158 32.58 16.47 -8.65
C ASP A 158 33.43 17.25 -7.65
N LEU A 159 34.30 16.54 -6.93
CA LEU A 159 35.15 17.13 -5.92
C LEU A 159 36.59 16.77 -6.23
N PRO A 160 37.52 17.72 -6.19
CA PRO A 160 38.91 17.41 -6.50
C PRO A 160 39.54 16.53 -5.43
N LEU A 161 40.77 16.08 -5.71
CA LEU A 161 41.48 15.21 -4.78
C LEU A 161 42.00 15.94 -3.56
N ASP A 162 41.99 17.27 -3.57
CA ASP A 162 42.45 18.07 -2.45
C ASP A 162 41.31 18.62 -1.60
N GLU A 163 40.07 18.20 -1.88
CA GLU A 163 38.95 18.65 -1.08
C GLU A 163 38.99 18.00 0.29
N PRO A 164 38.64 18.73 1.36
CA PRO A 164 38.70 18.14 2.71
C PRO A 164 37.86 16.89 2.87
N ARG A 165 36.72 16.79 2.19
CA ARG A 165 35.90 15.59 2.30
C ARG A 165 36.53 14.40 1.58
N VAL A 166 37.28 14.67 0.50
CA VAL A 166 37.95 13.58 -0.21
C VAL A 166 39.24 13.19 0.50
N GLU A 167 39.90 14.14 1.16
CA GLU A 167 41.11 13.81 1.92
C GLU A 167 40.79 12.96 3.14
N ALA A 168 39.64 13.19 3.77
CA ALA A 168 39.20 12.38 4.90
C ALA A 168 38.69 11.00 4.48
N LYS A 169 38.72 10.70 3.17
CA LYS A 169 38.32 9.40 2.65
C LYS A 169 36.87 9.06 2.98
N TRP A 170 36.00 10.06 2.90
CA TRP A 170 34.58 9.80 3.03
C TRP A 170 34.09 8.91 1.89
N PRO A 171 33.12 8.05 2.14
CA PRO A 171 32.60 7.19 1.06
C PRO A 171 31.87 8.01 0.00
N CYS A 172 32.00 7.59 -1.25
CA CYS A 172 31.36 8.16 -2.43
C CYS A 172 31.86 9.56 -2.77
N HIS A 173 32.76 10.14 -1.98
CA HIS A 173 33.34 11.44 -2.28
C HIS A 173 34.62 11.26 -3.07
N GLY A 174 34.68 11.87 -4.25
CA GLY A 174 35.85 11.77 -5.10
C GLY A 174 35.70 12.56 -6.38
N PRO A 175 36.73 12.53 -7.23
CA PRO A 175 36.65 13.26 -8.50
C PRO A 175 35.77 12.55 -9.52
N CYS A 176 35.22 13.35 -10.43
CA CYS A 176 34.38 12.81 -11.48
C CYS A 176 35.23 12.53 -12.72
N PRO A 177 35.23 11.30 -13.23
CA PRO A 177 36.11 10.96 -14.38
C PRO A 177 35.55 11.43 -15.73
N TRP A 178 35.75 12.71 -16.01
CA TRP A 178 35.32 13.24 -17.31
C TRP A 178 36.30 12.81 -18.39
N PRO A 179 35.81 12.38 -19.56
CA PRO A 179 36.73 12.02 -20.64
C PRO A 179 37.42 13.23 -21.25
N ASP A 180 36.78 14.39 -21.22
CA ASP A 180 37.35 15.63 -21.75
C ASP A 180 36.52 16.79 -21.25
N VAL A 181 37.08 18.00 -21.37
CA VAL A 181 36.37 19.19 -20.93
C VAL A 181 35.22 19.52 -21.86
N ASP A 182 35.23 18.99 -23.09
CA ASP A 182 34.13 19.22 -24.02
C ASP A 182 32.83 18.58 -23.56
N MET A 183 32.90 17.56 -22.71
CA MET A 183 31.71 16.95 -22.11
C MET A 183 31.42 17.49 -20.72
N ARG A 184 32.44 17.96 -20.01
CA ARG A 184 32.26 18.40 -18.63
C ARG A 184 31.49 19.71 -18.56
N THR A 185 31.86 20.68 -19.38
CA THR A 185 31.24 22.00 -19.31
C THR A 185 29.74 21.99 -19.65
N PRO A 186 29.30 21.41 -20.78
CA PRO A 186 27.85 21.47 -21.08
C PRO A 186 27.01 20.67 -20.10
N ILE A 187 27.51 19.52 -19.63
CA ILE A 187 26.74 18.71 -18.69
C ILE A 187 26.68 19.39 -17.33
N GLN A 188 27.76 20.08 -16.94
CA GLN A 188 27.75 20.77 -15.64
C GLN A 188 26.77 21.94 -15.64
N GLN A 189 26.73 22.71 -16.74
CA GLN A 189 25.78 23.81 -16.83
C GLN A 189 24.35 23.29 -16.89
N TYR A 190 24.15 22.10 -17.44
CA TYR A 190 22.81 21.50 -17.46
C TYR A 190 22.38 21.09 -16.06
N MET A 191 23.33 20.60 -15.25
CA MET A 191 23.01 20.25 -13.87
C MET A 191 22.74 21.49 -13.03
N ASP A 192 23.38 22.62 -13.35
CA ASP A 192 23.14 23.84 -12.61
C ASP A 192 21.74 24.40 -12.90
N SER A 193 21.27 24.25 -14.14
CA SER A 193 19.93 24.68 -14.47
C SER A 193 18.88 23.76 -13.85
N LEU A 194 19.17 22.46 -13.78
CA LEU A 194 18.25 21.53 -13.13
C LEU A 194 18.25 21.72 -11.62
N GLY A 195 19.36 22.20 -11.06
CA GLY A 195 19.39 22.48 -9.63
C GLY A 195 18.50 23.66 -9.26
N LYS A 196 18.44 24.67 -10.12
CA LYS A 196 17.57 25.82 -9.87
C LYS A 196 16.10 25.42 -9.97
N SER A 197 15.75 24.59 -10.95
CA SER A 197 14.37 24.13 -11.08
C SER A 197 13.99 23.19 -9.93
N GLY A 198 14.93 22.36 -9.48
CA GLY A 198 14.63 21.46 -8.38
C GLY A 198 14.36 22.18 -7.07
N GLU A 199 15.07 23.30 -6.85
CA GLU A 199 14.86 24.06 -5.62
C GLU A 199 13.53 24.81 -5.65
N THR A 200 13.16 25.34 -6.83
CA THR A 200 11.88 26.02 -6.96
C THR A 200 10.72 25.07 -6.77
N LEU A 201 10.86 23.83 -7.23
CA LEU A 201 9.80 22.84 -7.03
C LEU A 201 9.63 22.52 -5.54
N LEU A 202 10.73 22.47 -4.79
CA LEU A 202 10.62 22.24 -3.36
C LEU A 202 9.93 23.40 -2.65
N GLN A 203 10.19 24.63 -3.10
CA GLN A 203 9.48 25.78 -2.55
C GLN A 203 8.00 25.75 -2.91
N MET A 204 7.66 25.17 -4.06
CA MET A 204 6.25 25.00 -4.41
C MET A 204 5.57 23.98 -3.49
N ILE A 205 6.29 22.94 -3.10
CA ILE A 205 5.71 21.91 -2.24
C ILE A 205 5.48 22.46 -0.83
N GLU A 206 6.40 23.30 -0.34
CA GLU A 206 6.20 23.89 0.99
C GLU A 206 5.05 24.88 0.99
N TYR A 207 4.84 25.60 -0.12
CA TYR A 207 3.73 26.53 -0.19
C TYR A 207 2.40 25.80 -0.37
N GLY A 208 2.39 24.72 -1.13
CA GLY A 208 1.15 23.98 -1.35
C GLY A 208 0.70 23.24 -0.10
N LEU A 209 1.64 22.61 0.60
CA LEU A 209 1.34 21.90 1.83
C LEU A 209 1.29 22.82 3.04
N SER A 210 1.52 24.12 2.85
CA SER A 210 1.49 25.11 3.93
C SER A 210 2.48 24.76 5.04
N LEU A 211 3.65 24.27 4.65
CA LEU A 211 4.69 23.94 5.61
C LEU A 211 5.45 25.19 6.03
N HIS A 212 6.23 25.06 7.09
CA HIS A 212 7.08 26.15 7.53
C HIS A 212 8.12 26.45 6.46
N PRO A 213 8.47 27.71 6.24
CA PRO A 213 9.48 28.02 5.22
C PRO A 213 10.81 27.33 5.51
N ASP A 214 11.51 26.98 4.43
CA ASP A 214 12.80 26.27 4.51
C ASP A 214 12.68 24.93 5.21
N THR A 215 11.51 24.28 5.08
CA THR A 215 11.36 22.93 5.63
C THR A 215 12.03 21.90 4.73
N LEU A 216 11.88 22.03 3.41
CA LEU A 216 12.50 21.12 2.46
C LEU A 216 13.77 21.70 1.83
N THR A 217 13.81 23.02 1.62
CA THR A 217 14.97 23.63 0.97
C THR A 217 16.19 23.64 1.87
N SER A 218 16.02 23.52 3.19
CA SER A 218 17.15 23.48 4.09
C SER A 218 17.89 22.15 4.04
N LEU A 219 17.24 21.09 3.55
CA LEU A 219 17.91 19.80 3.44
C LEU A 219 18.82 19.73 2.22
N THR A 220 18.48 20.46 1.16
CA THR A 220 19.22 20.40 -0.09
C THR A 220 20.34 21.44 -0.17
N LYS A 221 20.66 22.11 0.94
CA LYS A 221 21.81 23.00 0.98
C LYS A 221 23.08 22.16 0.81
N ASP A 222 23.82 22.41 -0.27
CA ASP A 222 24.92 21.55 -0.68
C ASP A 222 24.43 20.11 -0.85
N GLY A 223 23.29 19.97 -1.52
CA GLY A 223 22.69 18.67 -1.68
C GLY A 223 23.52 17.75 -2.56
N TRP A 224 23.31 16.45 -2.37
CA TRP A 224 24.04 15.43 -3.11
C TRP A 224 23.35 15.15 -4.45
N HIS A 225 23.20 16.21 -5.23
CA HIS A 225 22.58 16.11 -6.54
C HIS A 225 23.47 15.31 -7.49
N HIS A 226 22.86 14.36 -8.21
CA HIS A 226 23.58 13.57 -9.19
C HIS A 226 22.69 13.36 -10.41
N LEU A 227 23.32 13.19 -11.56
CA LEU A 227 22.64 13.04 -12.84
C LEU A 227 23.03 11.71 -13.47
N ARG A 228 22.05 11.07 -14.13
CA ARG A 228 22.26 9.78 -14.77
C ARG A 228 21.99 9.94 -16.27
N ILE A 229 23.07 9.91 -17.06
CA ILE A 229 22.96 9.99 -18.51
C ILE A 229 22.78 8.59 -19.07
N LEU A 230 21.65 8.36 -19.72
CA LEU A 230 21.27 7.02 -20.16
C LEU A 230 21.27 6.91 -21.68
N ARG A 231 21.45 5.68 -22.14
CA ARG A 231 21.33 5.34 -23.55
C ARG A 231 20.73 3.94 -23.67
N PHE A 232 19.59 3.83 -24.33
CA PHE A 232 18.92 2.55 -24.51
C PHE A 232 18.98 2.12 -25.96
N PRO A 233 19.42 0.88 -26.25
CA PRO A 233 19.55 0.47 -27.65
C PRO A 233 18.22 0.05 -28.27
N GLN A 234 18.27 -0.46 -29.50
CA GLN A 234 17.06 -0.91 -30.17
C GLN A 234 16.60 -2.24 -29.57
N ASN A 235 15.39 -2.65 -29.96
CA ASN A 235 14.79 -3.88 -29.46
C ASN A 235 15.28 -5.12 -30.22
N ASN A 236 16.01 -4.94 -31.32
CA ASN A 236 16.50 -6.06 -32.11
C ASN A 236 17.55 -6.87 -31.35
N SER A 250 10.42 -2.80 -13.19
CA SER A 250 9.99 -1.84 -12.18
C SER A 250 11.14 -1.45 -11.26
N HIS A 251 11.58 -0.20 -11.36
CA HIS A 251 12.63 0.34 -10.51
C HIS A 251 12.05 1.40 -9.58
N THR A 252 12.82 1.77 -8.58
CA THR A 252 12.42 2.79 -7.63
C THR A 252 13.27 4.05 -7.83
N ASP A 253 13.14 5.00 -6.90
CA ASP A 253 13.94 6.23 -6.95
C ASP A 253 14.18 6.70 -5.53
N TYR A 254 15.44 6.69 -5.12
CA TYR A 254 15.84 7.12 -3.77
C TYR A 254 16.09 8.62 -3.80
N GLY A 255 15.05 9.40 -3.55
CA GLY A 255 15.23 10.85 -3.56
C GLY A 255 13.93 11.59 -3.40
N LEU A 256 14.06 12.91 -3.37
CA LEU A 256 12.90 13.80 -3.25
C LEU A 256 12.18 13.91 -4.59
N LEU A 257 12.82 14.57 -5.56
CA LEU A 257 12.23 14.80 -6.87
C LEU A 257 13.16 14.26 -7.95
N VAL A 258 12.58 13.69 -9.00
CA VAL A 258 13.31 13.14 -10.13
C VAL A 258 12.87 13.91 -11.37
N ILE A 259 13.78 14.70 -11.93
CA ILE A 259 13.53 15.46 -13.15
C ILE A 259 14.12 14.69 -14.32
N ALA A 260 13.25 14.27 -15.25
CA ALA A 260 13.64 13.45 -16.38
C ALA A 260 13.34 14.17 -17.69
N ALA A 261 14.30 14.15 -18.61
CA ALA A 261 14.12 14.71 -19.94
C ALA A 261 14.47 13.64 -20.97
N GLN A 262 13.70 13.57 -22.04
CA GLN A 262 13.84 12.54 -23.05
C GLN A 262 13.77 13.16 -24.44
N ASP A 263 14.03 12.33 -25.44
CA ASP A 263 14.00 12.72 -26.84
C ASP A 263 12.64 12.35 -27.44
N GLU A 264 12.58 12.18 -28.76
CA GLU A 264 11.34 11.88 -29.45
C GLU A 264 11.06 10.38 -29.55
N VAL A 265 12.01 9.53 -29.18
CA VAL A 265 11.79 8.08 -29.30
C VAL A 265 10.81 7.61 -28.24
N GLY A 266 11.07 7.94 -26.98
CA GLY A 266 10.17 7.59 -25.90
C GLY A 266 10.35 6.15 -25.43
N GLY A 267 9.84 5.90 -24.22
CA GLY A 267 9.92 4.57 -23.64
C GLY A 267 9.81 4.57 -22.13
N LEU A 268 9.34 5.68 -21.57
CA LEU A 268 9.20 5.83 -20.12
C LEU A 268 7.79 5.44 -19.70
N PHE A 269 7.71 4.60 -18.65
CA PHE A 269 6.44 4.17 -18.10
C PHE A 269 6.42 4.47 -16.61
N ILE A 270 5.25 4.84 -16.09
CA ILE A 270 5.07 5.16 -14.68
C ILE A 270 3.85 4.42 -14.15
N ARG A 271 3.74 4.38 -12.82
CA ARG A 271 2.63 3.72 -12.15
C ARG A 271 1.87 4.74 -11.32
N PRO A 272 0.60 5.02 -11.62
CA PRO A 272 -0.14 6.02 -10.86
C PRO A 272 -0.45 5.54 -9.46
N PRO A 273 -0.80 6.45 -8.54
CA PRO A 273 -1.18 6.09 -7.17
C PRO A 273 -2.46 5.24 -7.13
N TRP A 296 0.16 0.07 -15.75
CA TRP A 296 1.22 0.98 -16.18
C TRP A 296 0.69 2.05 -17.14
N VAL A 297 1.35 3.20 -17.13
CA VAL A 297 0.97 4.33 -17.96
C VAL A 297 2.19 4.80 -18.76
N TYR A 298 2.03 4.92 -20.07
CA TYR A 298 3.11 5.38 -20.93
C TYR A 298 3.19 6.90 -20.93
N VAL A 299 4.41 7.42 -20.82
CA VAL A 299 4.66 8.86 -20.82
C VAL A 299 5.05 9.25 -22.25
N PRO A 300 4.20 9.95 -22.99
CA PRO A 300 4.52 10.30 -24.37
C PRO A 300 5.53 11.43 -24.43
N PRO A 301 6.42 11.41 -25.42
CA PRO A 301 7.40 12.50 -25.56
C PRO A 301 6.71 13.78 -26.04
N VAL A 302 6.86 14.85 -25.25
CA VAL A 302 6.33 16.16 -25.57
C VAL A 302 7.50 17.12 -25.70
N PRO A 303 7.67 17.80 -26.83
CA PRO A 303 8.84 18.68 -26.99
C PRO A 303 8.77 19.90 -26.09
N GLY A 304 9.92 20.23 -25.51
CA GLY A 304 10.05 21.45 -24.72
C GLY A 304 9.65 21.35 -23.26
N VAL A 305 9.49 20.14 -22.72
CA VAL A 305 9.11 19.95 -21.33
C VAL A 305 9.93 18.81 -20.74
N PHE A 306 10.10 18.85 -19.42
CA PHE A 306 10.69 17.75 -18.67
C PHE A 306 9.68 17.25 -17.64
N THR A 307 9.84 15.98 -17.26
CA THR A 307 8.91 15.32 -16.36
C THR A 307 9.48 15.27 -14.95
N VAL A 308 8.61 15.50 -13.97
CA VAL A 308 8.99 15.51 -12.55
C VAL A 308 8.05 14.58 -11.79
N PHE A 309 8.63 13.64 -11.04
CA PHE A 309 7.86 12.75 -10.20
C PHE A 309 8.63 12.50 -8.90
N PRO A 310 7.92 12.41 -7.77
CA PRO A 310 8.60 12.24 -6.48
C PRO A 310 9.20 10.85 -6.35
N GLY A 311 9.97 10.68 -5.27
CA GLY A 311 10.60 9.40 -5.00
C GLY A 311 10.27 8.85 -3.63
N ASP A 312 11.17 8.03 -3.07
CA ASP A 312 10.90 7.39 -1.78
C ASP A 312 11.07 8.35 -0.61
N ILE A 313 12.07 9.22 -0.67
CA ILE A 313 12.31 10.15 0.43
C ILE A 313 11.16 11.14 0.56
N MET A 314 10.51 11.50 -0.56
CA MET A 314 9.37 12.41 -0.48
C MET A 314 8.17 11.74 0.16
N GLN A 315 7.93 10.46 -0.15
CA GLN A 315 6.83 9.74 0.47
C GLN A 315 7.06 9.54 1.97
N PHE A 316 8.32 9.36 2.37
CA PHE A 316 8.63 9.15 3.79
C PHE A 316 8.35 10.40 4.60
N MET A 317 8.70 11.57 4.07
CA MET A 317 8.53 12.81 4.82
C MET A 317 7.09 13.31 4.81
N THR A 318 6.32 12.98 3.78
CA THR A 318 4.99 13.53 3.61
C THR A 318 3.88 12.58 4.03
N ASN A 319 4.22 11.38 4.53
CA ASN A 319 3.24 10.39 4.96
C ASN A 319 2.33 9.98 3.81
N SER A 320 2.97 9.54 2.72
CA SER A 320 2.29 9.07 1.51
C SER A 320 1.39 10.14 0.87
N TYR A 321 1.59 11.41 1.25
CA TYR A 321 0.84 12.48 0.60
C TYR A 321 1.25 12.63 -0.86
N LEU A 322 2.56 12.72 -1.11
CA LEU A 322 3.12 12.67 -2.45
C LEU A 322 3.77 11.31 -2.66
N PRO A 323 3.08 10.36 -3.29
CA PRO A 323 3.58 8.99 -3.31
C PRO A 323 4.77 8.81 -4.25
N SER A 324 5.54 7.76 -3.99
CA SER A 324 6.66 7.39 -4.84
C SER A 324 6.16 6.72 -6.11
N THR A 325 6.57 7.24 -7.26
CA THR A 325 6.09 6.75 -8.54
C THR A 325 7.12 5.80 -9.15
N PRO A 326 6.82 4.50 -9.28
CA PRO A 326 7.75 3.60 -9.94
C PRO A 326 7.85 3.89 -11.43
N HIS A 327 9.00 3.56 -12.01
CA HIS A 327 9.24 3.83 -13.42
C HIS A 327 10.01 2.68 -14.06
N LYS A 328 9.58 2.30 -15.25
CA LYS A 328 10.27 1.28 -16.04
C LYS A 328 10.47 1.79 -17.47
N VAL A 329 11.51 1.30 -18.11
CA VAL A 329 11.88 1.73 -19.46
C VAL A 329 11.80 0.54 -20.40
N GLY A 330 11.21 0.76 -21.58
CA GLY A 330 11.08 -0.27 -22.60
C GLY A 330 11.93 0.07 -23.81
N LEU A 331 12.54 -0.96 -24.39
CA LEU A 331 13.38 -0.79 -25.56
C LEU A 331 12.53 -0.57 -26.81
N ASN A 332 12.85 0.47 -27.57
CA ASN A 332 12.10 0.82 -28.76
C ASN A 332 12.83 0.32 -30.00
N THR A 333 12.34 0.71 -31.19
CA THR A 333 12.93 0.29 -32.45
C THR A 333 14.23 1.03 -32.77
N ARG A 334 14.44 2.21 -32.18
CA ARG A 334 15.64 2.99 -32.41
C ARG A 334 16.29 3.31 -31.08
N GLU A 335 17.53 3.79 -31.13
CA GLU A 335 18.24 4.15 -29.91
C GLU A 335 17.60 5.37 -29.27
N ARG A 336 17.59 5.38 -27.94
CA ARG A 336 16.95 6.44 -27.17
C ARG A 336 17.95 7.04 -26.19
N PHE A 337 17.98 8.37 -26.12
CA PHE A 337 18.83 9.08 -25.18
C PHE A 337 17.94 9.87 -24.22
N ALA A 338 18.24 9.77 -22.92
CA ALA A 338 17.43 10.41 -21.91
C ALA A 338 18.31 10.82 -20.74
N PHE A 339 17.76 11.67 -19.88
CA PHE A 339 18.44 12.15 -18.68
C PHE A 339 17.61 11.82 -17.46
N ALA A 340 18.28 11.69 -16.31
CA ALA A 340 17.62 11.40 -15.04
C ALA A 340 18.32 12.21 -13.95
N TYR A 341 17.71 13.32 -13.57
CA TYR A 341 18.25 14.20 -12.53
C TYR A 341 17.58 13.90 -11.20
N PHE A 342 18.37 13.90 -10.14
CA PHE A 342 17.90 13.58 -8.79
C PHE A 342 18.22 14.74 -7.87
N HIS A 343 17.20 15.51 -7.49
CA HIS A 343 17.35 16.56 -6.50
C HIS A 343 17.31 15.91 -5.12
N GLU A 344 18.42 15.95 -4.40
CA GLU A 344 18.63 15.16 -3.21
C GLU A 344 18.99 16.05 -2.03
N PRO A 345 18.74 15.59 -0.80
CA PRO A 345 19.22 16.32 0.38
C PRO A 345 20.73 16.25 0.47
N SER A 346 21.27 16.97 1.46
CA SER A 346 22.71 16.95 1.69
C SER A 346 23.14 15.56 2.14
N PHE A 347 24.38 15.20 1.81
CA PHE A 347 24.91 13.90 2.21
C PHE A 347 24.99 13.77 3.73
N GLN A 348 25.11 14.90 4.43
CA GLN A 348 25.19 14.92 5.88
C GLN A 348 23.84 15.14 6.55
N ALA A 349 22.82 15.50 5.79
CA ALA A 349 21.50 15.78 6.36
C ALA A 349 20.79 14.48 6.73
N VAL A 350 20.05 14.52 7.83
CA VAL A 350 19.24 13.40 8.29
C VAL A 350 17.79 13.82 8.19
N VAL A 351 17.05 13.20 7.28
CA VAL A 351 15.66 13.60 7.05
C VAL A 351 14.78 13.00 8.14
N SER A 352 13.71 13.71 8.46
CA SER A 352 12.74 13.32 9.47
C SER A 352 11.35 13.64 8.95
N PRO A 353 10.35 12.83 9.32
CA PRO A 353 8.99 13.08 8.83
C PRO A 353 8.45 14.41 9.33
N VAL A 354 7.54 14.99 8.54
CA VAL A 354 6.90 16.24 8.90
C VAL A 354 5.80 15.96 9.92
N ALA A 355 5.87 16.64 11.06
CA ALA A 355 4.89 16.43 12.12
C ALA A 355 3.49 16.88 11.73
N LYS A 356 3.38 17.82 10.78
CA LYS A 356 2.06 18.28 10.36
C LYS A 356 1.33 17.22 9.54
N LEU A 357 2.04 16.55 8.63
CA LEU A 357 1.44 15.54 7.75
C LEU A 357 1.18 14.22 8.44
N TYR A 358 1.49 14.08 9.73
CA TYR A 358 1.21 12.87 10.48
C TYR A 358 0.15 13.14 11.54
N ASP A 359 -0.92 12.35 11.52
CA ASP A 359 -1.94 12.44 12.55
C ASP A 359 -1.37 12.10 13.92
N GLY A 360 -1.56 13.01 14.87
CA GLY A 360 -1.07 12.76 16.21
C GLY A 360 0.45 12.81 16.26
N GLN A 361 1.05 11.75 16.79
CA GLN A 361 2.50 11.76 16.95
C GLN A 361 3.18 11.15 15.74
N PRO A 362 4.28 11.75 15.28
CA PRO A 362 5.00 11.20 14.13
C PRO A 362 5.90 10.06 14.55
N PRO A 363 6.32 9.20 13.61
CA PRO A 363 7.23 8.11 13.96
C PRO A 363 8.57 8.62 14.44
N VAL A 364 9.21 7.83 15.30
CA VAL A 364 10.53 8.18 15.83
C VAL A 364 11.66 7.81 14.88
N GLU A 365 11.35 7.31 13.69
CA GLU A 365 12.38 6.91 12.75
C GLU A 365 13.01 8.13 12.09
N LYS A 366 14.28 7.98 11.70
CA LYS A 366 14.99 9.03 10.99
C LYS A 366 15.94 8.37 10.00
N ILE A 367 16.01 8.93 8.80
CA ILE A 367 16.83 8.38 7.72
C ILE A 367 18.03 9.30 7.51
N HIS A 368 19.22 8.76 7.71
CA HIS A 368 20.45 9.48 7.36
C HIS A 368 20.72 9.24 5.88
N TYR A 369 20.64 10.30 5.07
CA TYR A 369 20.72 10.12 3.63
C TYR A 369 22.10 9.61 3.20
N GLY A 370 23.15 10.02 3.89
CA GLY A 370 24.48 9.54 3.55
C GLY A 370 24.60 8.03 3.64
N THR A 371 24.01 7.44 4.69
CA THR A 371 24.00 5.99 4.81
C THR A 371 23.04 5.36 3.80
N HIS A 372 21.93 6.03 3.50
CA HIS A 372 20.98 5.51 2.54
C HIS A 372 21.55 5.50 1.13
N PHE A 373 22.32 6.53 0.78
CA PHE A 373 22.89 6.61 -0.57
C PHE A 373 23.93 5.52 -0.77
N THR A 374 24.85 5.36 0.18
CA THR A 374 25.92 4.38 0.03
C THR A 374 25.38 2.95 0.03
N ASN A 375 24.36 2.68 0.84
CA ASN A 375 23.80 1.33 0.90
C ASN A 375 23.11 0.95 -0.40
N MET A 376 22.55 1.92 -1.13
CA MET A 376 21.87 1.61 -2.37
C MET A 376 22.86 1.35 -3.50
N PHE A 377 23.95 2.12 -3.55
CA PHE A 377 24.93 1.96 -4.62
C PHE A 377 25.84 0.76 -4.39
N MET A 378 26.08 0.39 -3.13
CA MET A 378 26.88 -0.81 -2.87
C MET A 378 26.11 -2.07 -3.23
N ARG A 379 24.78 -2.02 -3.22
CA ARG A 379 23.97 -3.16 -3.60
C ARG A 379 23.71 -3.22 -5.09
N ASN A 380 23.55 -2.07 -5.74
CA ASN A 380 23.28 -2.06 -7.18
C ASN A 380 24.55 -2.34 -7.99
N TYR A 381 25.70 -1.85 -7.53
CA TYR A 381 26.98 -2.02 -8.21
C TYR A 381 27.95 -2.71 -7.26
N PRO A 382 27.84 -4.03 -7.09
CA PRO A 382 28.71 -4.72 -6.14
C PRO A 382 30.11 -4.97 -6.66
N ASP A 383 30.22 -5.34 -7.94
CA ASP A 383 31.50 -5.70 -8.54
C ASP A 383 32.30 -4.50 -9.02
N ARG A 384 31.89 -3.29 -8.65
CA ARG A 384 32.60 -2.09 -9.05
C ARG A 384 33.81 -1.86 -8.15
N ILE A 385 34.86 -1.26 -8.71
CA ILE A 385 36.07 -0.99 -7.96
C ILE A 385 35.81 0.02 -6.85
N THR A 386 34.78 0.85 -6.99
CA THR A 386 34.45 1.80 -5.93
C THR A 386 33.91 1.08 -4.70
N THR A 387 33.11 0.03 -4.91
CA THR A 387 32.56 -0.71 -3.78
C THR A 387 33.64 -1.52 -3.07
N GLU A 388 34.55 -2.14 -3.83
CA GLU A 388 35.60 -2.95 -3.23
C GLU A 388 36.54 -2.11 -2.37
N ARG A 389 36.79 -0.86 -2.76
CA ARG A 389 37.68 -0.02 -1.98
C ARG A 389 37.03 0.43 -0.68
N ILE A 390 35.71 0.71 -0.71
CA ILE A 390 34.99 1.05 0.50
C ILE A 390 34.98 -0.12 1.47
N ILE A 391 34.97 -1.35 0.96
CA ILE A 391 34.97 -2.52 1.82
C ILE A 391 36.37 -2.82 2.33
N LYS A 392 37.38 -2.72 1.46
CA LYS A 392 38.74 -3.03 1.87
C LYS A 392 39.26 -2.01 2.87
N GLU A 393 39.11 -0.73 2.57
CA GLU A 393 39.56 0.33 3.47
C GLU A 393 38.61 0.57 4.64
N ASP A 394 37.46 -0.13 4.67
CA ASP A 394 36.50 -0.03 5.77
C ASP A 394 36.03 1.41 5.97
N ARG A 395 35.62 2.05 4.88
CA ARG A 395 35.13 3.43 4.93
C ARG A 395 33.72 3.54 5.49
N LEU A 396 32.99 2.43 5.61
CA LEU A 396 31.62 2.50 6.13
C LEU A 396 31.57 2.91 7.59
N GLN A 397 32.67 2.72 8.34
CA GLN A 397 32.68 3.15 9.73
C GLN A 397 32.63 4.66 9.89
N LEU A 398 32.94 5.40 8.83
CA LEU A 398 32.88 6.85 8.89
C LEU A 398 31.44 7.37 8.88
N LEU A 399 30.50 6.57 8.37
CA LEU A 399 29.10 6.99 8.33
C LEU A 399 28.49 7.13 9.72
N ASP A 400 29.11 6.54 10.73
CA ASP A 400 28.61 6.63 12.10
C ASP A 400 29.18 7.83 12.86
N ARG A 401 30.21 8.49 12.33
CA ARG A 401 30.79 9.61 13.02
C ARG A 401 29.88 10.84 12.89
N PRO A 402 29.86 11.70 13.90
CA PRO A 402 28.95 12.86 13.86
C PRO A 402 29.31 13.89 12.81
N GLU A 403 30.57 13.96 12.37
CA GLU A 403 30.95 14.91 11.34
C GLU A 403 30.27 14.62 10.00
N LEU A 404 29.82 13.38 9.79
CA LEU A 404 29.11 12.99 8.59
C LEU A 404 27.59 13.05 8.75
N ARG A 405 27.11 13.58 9.88
CA ARG A 405 25.68 13.62 10.17
C ARG A 405 25.19 15.01 10.56
N THR A 406 26.04 16.04 10.48
CA THR A 406 25.68 17.38 10.94
C THR A 406 25.96 18.38 9.82
N GLN A 407 24.90 19.00 9.30
CA GLN A 407 25.02 20.03 8.28
C GLN A 407 23.74 20.84 8.18
N MET B 50 -21.91 -3.46 -53.85
CA MET B 50 -21.21 -2.50 -53.00
C MET B 50 -22.09 -1.28 -52.73
N PRO B 51 -22.11 -0.82 -51.48
CA PRO B 51 -22.88 0.38 -51.16
C PRO B 51 -22.32 1.59 -51.89
N PRO B 52 -23.18 2.56 -52.20
CA PRO B 52 -22.71 3.73 -52.95
C PRO B 52 -21.83 4.64 -52.12
N ASN B 53 -21.11 5.52 -52.82
CA ASN B 53 -20.24 6.54 -52.22
C ASN B 53 -19.08 5.93 -51.44
N TYR B 54 -18.80 4.64 -51.64
CA TYR B 54 -17.67 3.98 -51.00
C TYR B 54 -16.66 3.55 -52.06
N VAL B 55 -15.38 3.65 -51.72
CA VAL B 55 -14.29 3.30 -52.61
C VAL B 55 -13.45 2.23 -51.92
N ALA B 56 -13.42 1.03 -52.51
CA ALA B 56 -12.66 -0.07 -51.95
C ALA B 56 -12.38 -1.09 -53.04
N ARG B 57 -11.41 -1.95 -52.79
CA ARG B 57 -11.02 -3.00 -53.73
C ARG B 57 -11.79 -4.28 -53.44
N VAL B 58 -12.17 -4.99 -54.51
CA VAL B 58 -12.89 -6.25 -54.35
C VAL B 58 -11.93 -7.32 -53.85
N GLY B 59 -12.37 -8.10 -52.87
CA GLY B 59 -11.53 -9.10 -52.24
C GLY B 59 -11.66 -10.46 -52.91
N GLN B 60 -10.52 -11.06 -53.22
CA GLN B 60 -10.46 -12.41 -53.79
C GLN B 60 -9.99 -13.36 -52.68
N LEU B 61 -10.93 -13.76 -51.82
CA LEU B 61 -10.60 -14.58 -50.67
C LEU B 61 -10.57 -16.05 -51.05
N LYS B 62 -9.76 -16.81 -50.32
CA LYS B 62 -9.67 -18.25 -50.55
C LYS B 62 -10.78 -18.99 -49.80
N THR B 63 -11.34 -20.01 -50.45
CA THR B 63 -12.43 -20.79 -49.90
C THR B 63 -11.94 -22.21 -49.62
N PHE B 64 -12.25 -22.71 -48.42
CA PHE B 64 -11.83 -24.04 -47.98
C PHE B 64 -13.05 -24.84 -47.55
N THR B 65 -12.83 -26.12 -47.29
CA THR B 65 -13.88 -27.03 -46.83
C THR B 65 -13.40 -27.70 -45.55
N LEU B 66 -14.11 -27.44 -44.45
CA LEU B 66 -13.74 -28.03 -43.17
C LEU B 66 -14.09 -29.51 -43.15
N PRO B 67 -13.23 -30.36 -42.60
CA PRO B 67 -13.56 -31.77 -42.46
C PRO B 67 -14.63 -31.98 -41.39
N GLU B 68 -15.34 -33.10 -41.51
CA GLU B 68 -16.39 -33.41 -40.54
C GLU B 68 -15.82 -33.70 -39.17
N THR B 69 -14.59 -34.23 -39.11
CA THR B 69 -13.94 -34.54 -37.84
C THR B 69 -12.44 -34.40 -38.02
N ALA B 70 -11.84 -33.47 -37.28
CA ALA B 70 -10.40 -33.29 -37.34
C ALA B 70 -9.71 -34.44 -36.61
N THR B 71 -8.87 -35.18 -37.33
CA THR B 71 -8.20 -36.36 -36.77
C THR B 71 -6.69 -36.22 -36.74
N GLY B 72 -6.13 -35.10 -37.21
CA GLY B 72 -4.70 -34.96 -37.26
C GLY B 72 -4.04 -35.61 -38.45
N SER B 73 -4.80 -35.96 -39.48
CA SER B 73 -4.26 -36.58 -40.66
C SER B 73 -3.39 -35.58 -41.43
N PRO B 74 -2.50 -36.06 -42.30
CA PRO B 74 -1.70 -35.14 -43.13
C PRO B 74 -2.55 -34.18 -43.95
N SER B 75 -3.78 -34.57 -44.30
CA SER B 75 -4.67 -33.65 -45.00
C SER B 75 -5.11 -32.51 -44.08
N ASP B 76 -5.25 -32.77 -42.78
CA ASP B 76 -5.64 -31.72 -41.85
C ASP B 76 -4.50 -30.76 -41.57
N VAL B 77 -3.26 -31.26 -41.54
CA VAL B 77 -2.11 -30.39 -41.31
C VAL B 77 -1.89 -29.48 -42.50
N GLU B 78 -2.04 -30.00 -43.72
CA GLU B 78 -1.88 -29.18 -44.91
C GLU B 78 -3.02 -28.17 -45.03
N LEU B 79 -4.23 -28.55 -44.61
CA LEU B 79 -5.35 -27.62 -44.64
C LEU B 79 -5.17 -26.52 -43.59
N GLY B 80 -4.64 -26.87 -42.41
CA GLY B 80 -4.43 -25.87 -41.39
C GLY B 80 -3.39 -24.84 -41.78
N LYS B 81 -2.29 -25.30 -42.40
CA LYS B 81 -1.26 -24.36 -42.85
C LYS B 81 -1.77 -23.48 -43.99
N ALA B 82 -2.64 -24.01 -44.85
CA ALA B 82 -3.20 -23.22 -45.92
C ALA B 82 -4.17 -22.16 -45.40
N MET B 83 -4.91 -22.47 -44.33
CA MET B 83 -5.82 -21.49 -43.75
C MET B 83 -5.05 -20.36 -43.08
N ILE B 84 -3.93 -20.70 -42.44
CA ILE B 84 -3.13 -19.66 -41.78
C ILE B 84 -2.52 -18.72 -42.82
N ASN B 85 -2.00 -19.27 -43.92
CA ASN B 85 -1.46 -18.42 -44.97
C ASN B 85 -2.52 -17.53 -45.59
N ALA B 86 -3.77 -18.00 -45.64
CA ALA B 86 -4.86 -17.16 -46.11
C ALA B 86 -5.18 -16.05 -45.12
N TRP B 87 -5.07 -16.35 -43.83
CA TRP B 87 -5.32 -15.34 -42.80
C TRP B 87 -4.20 -14.30 -42.74
N ARG B 88 -2.96 -14.71 -43.03
CA ARG B 88 -1.84 -13.78 -42.97
C ARG B 88 -1.73 -12.91 -44.22
N GLU B 89 -2.32 -13.32 -45.33
CA GLU B 89 -2.25 -12.58 -46.59
C GLU B 89 -3.46 -11.68 -46.82
N ASP B 90 -4.67 -12.23 -46.68
CA ASP B 90 -5.88 -11.48 -46.90
C ASP B 90 -6.58 -11.05 -45.61
N GLY B 91 -6.27 -11.70 -44.49
CA GLY B 91 -6.89 -11.39 -43.23
C GLY B 91 -8.23 -12.04 -42.99
N ILE B 92 -8.76 -12.78 -43.96
CA ILE B 92 -10.08 -13.39 -43.85
C ILE B 92 -10.20 -14.45 -44.94
N LEU B 93 -10.85 -15.56 -44.59
CA LEU B 93 -11.07 -16.66 -45.52
C LEU B 93 -12.52 -17.09 -45.47
N GLN B 94 -12.92 -17.87 -46.48
CA GLN B 94 -14.27 -18.38 -46.59
C GLN B 94 -14.26 -19.91 -46.47
N VAL B 95 -15.35 -20.44 -45.92
CA VAL B 95 -15.52 -21.88 -45.72
C VAL B 95 -16.85 -22.29 -46.33
N SER B 96 -16.83 -23.36 -47.11
CA SER B 96 -18.05 -23.82 -47.77
C SER B 96 -19.03 -24.39 -46.75
N MET B 97 -20.29 -23.98 -46.84
CA MET B 97 -21.33 -24.50 -45.97
C MET B 97 -21.74 -25.89 -46.42
N SER B 98 -21.96 -26.77 -45.45
CA SER B 98 -22.57 -28.05 -45.76
C SER B 98 -24.04 -27.84 -46.11
N PRO B 99 -24.59 -28.67 -46.99
CA PRO B 99 -26.01 -28.52 -47.36
C PRO B 99 -26.95 -28.62 -46.17
N ARG B 100 -26.55 -29.33 -45.11
CA ARG B 100 -27.34 -29.32 -43.89
C ARG B 100 -27.19 -27.99 -43.16
N GLN B 101 -25.99 -27.41 -43.20
CA GLN B 101 -25.79 -26.09 -42.61
C GLN B 101 -26.52 -25.01 -43.41
N GLN B 102 -26.59 -25.18 -44.74
CA GLN B 102 -27.32 -24.22 -45.56
C GLN B 102 -28.82 -24.23 -45.24
N ALA B 103 -29.37 -25.39 -44.88
CA ALA B 103 -30.77 -25.45 -44.49
C ALA B 103 -31.00 -24.75 -43.16
N LEU B 104 -30.06 -24.89 -42.22
CA LEU B 104 -30.19 -24.22 -40.92
C LEU B 104 -30.05 -22.71 -41.06
N PHE B 105 -29.18 -22.25 -41.99
CA PHE B 105 -29.05 -20.82 -42.21
C PHE B 105 -30.32 -20.22 -42.81
N GLU B 106 -30.99 -20.98 -43.68
CA GLU B 106 -32.23 -20.49 -44.28
C GLU B 106 -33.35 -20.42 -43.26
N ASN B 107 -33.41 -21.41 -42.35
CA ASN B 107 -34.42 -21.38 -41.30
C ASN B 107 -34.16 -20.23 -40.32
N ALA B 108 -32.89 -19.99 -39.98
CA ALA B 108 -32.55 -18.89 -39.10
C ALA B 108 -32.81 -17.54 -39.78
N SER B 109 -32.54 -17.45 -41.09
CA SER B 109 -32.81 -16.21 -41.81
C SER B 109 -34.31 -15.93 -41.91
N ALA B 110 -35.13 -16.98 -42.01
CA ALA B 110 -36.58 -16.78 -42.04
C ALA B 110 -37.09 -16.33 -40.67
N ALA B 111 -36.58 -16.93 -39.60
CA ALA B 111 -36.98 -16.51 -38.27
C ALA B 111 -36.44 -15.13 -37.92
N SER B 112 -35.33 -14.73 -38.53
CA SER B 112 -34.79 -13.39 -38.30
C SER B 112 -35.71 -12.33 -38.90
N LYS B 113 -36.11 -12.52 -40.16
CA LYS B 113 -36.98 -11.55 -40.81
C LYS B 113 -38.36 -11.50 -40.17
N ARG B 114 -38.83 -12.64 -39.64
CA ARG B 114 -40.11 -12.65 -38.95
C ARG B 114 -40.05 -11.85 -37.66
N PHE B 115 -38.91 -11.88 -36.96
CA PHE B 115 -38.77 -11.11 -35.73
C PHE B 115 -38.69 -9.63 -36.01
N PHE B 116 -37.89 -9.23 -37.00
CA PHE B 116 -37.74 -7.82 -37.32
C PHE B 116 -38.98 -7.22 -37.98
N ALA B 117 -39.95 -8.05 -38.36
CA ALA B 117 -41.22 -7.55 -38.90
C ALA B 117 -42.23 -7.25 -37.80
N MET B 118 -41.91 -7.56 -36.55
CA MET B 118 -42.80 -7.29 -35.44
C MET B 118 -42.84 -5.80 -35.13
N PRO B 119 -43.88 -5.34 -34.45
CA PRO B 119 -43.96 -3.92 -34.05
C PRO B 119 -42.79 -3.53 -33.17
N PRO B 120 -42.43 -2.25 -33.14
CA PRO B 120 -41.25 -1.84 -32.34
C PRO B 120 -41.40 -2.10 -30.85
N ASN B 121 -42.60 -1.90 -30.29
CA ASN B 121 -42.78 -2.13 -28.87
C ASN B 121 -42.76 -3.61 -28.52
N GLN B 122 -43.13 -4.47 -29.47
CA GLN B 122 -43.07 -5.91 -29.24
C GLN B 122 -41.62 -6.41 -29.28
N LYS B 123 -40.77 -5.76 -30.07
CA LYS B 123 -39.36 -6.13 -30.08
C LYS B 123 -38.61 -5.49 -28.93
N ALA B 124 -38.97 -4.26 -28.56
CA ALA B 124 -38.32 -3.57 -27.45
C ALA B 124 -38.57 -4.25 -26.12
N ALA B 125 -39.58 -5.12 -26.03
CA ALA B 125 -39.87 -5.84 -24.82
C ALA B 125 -39.01 -7.08 -24.64
N CYS B 126 -38.09 -7.34 -25.56
CA CYS B 126 -37.20 -8.50 -25.47
C CYS B 126 -35.87 -8.06 -24.85
N VAL B 127 -35.96 -7.74 -23.56
CA VAL B 127 -34.80 -7.34 -22.77
C VAL B 127 -34.81 -8.12 -21.47
N ASP B 128 -33.61 -8.42 -20.97
CA ASP B 128 -33.45 -9.19 -19.75
C ASP B 128 -32.59 -8.41 -18.76
N THR B 129 -32.91 -8.55 -17.47
CA THR B 129 -32.19 -7.82 -16.44
C THR B 129 -30.90 -8.52 -16.01
N GLN B 130 -30.76 -9.81 -16.29
CA GLN B 130 -29.59 -10.57 -15.89
C GLN B 130 -28.63 -10.88 -17.03
N SER B 131 -29.12 -10.94 -18.27
CA SER B 131 -28.28 -11.25 -19.42
C SER B 131 -28.33 -10.11 -20.42
N TYR B 132 -27.20 -9.88 -21.10
CA TYR B 132 -27.13 -8.83 -22.11
C TYR B 132 -27.75 -9.24 -23.44
N ALA B 133 -28.15 -10.50 -23.60
CA ALA B 133 -28.83 -10.92 -24.81
C ALA B 133 -30.19 -10.26 -24.92
N GLY B 134 -30.67 -10.10 -26.15
CA GLY B 134 -31.96 -9.49 -26.36
C GLY B 134 -31.90 -8.45 -27.45
N TYR B 135 -32.95 -7.63 -27.51
CA TYR B 135 -33.13 -6.67 -28.58
C TYR B 135 -32.37 -5.38 -28.28
N ILE B 136 -31.71 -4.85 -29.30
CA ILE B 136 -30.99 -3.59 -29.22
C ILE B 136 -31.41 -2.72 -30.40
N ALA B 137 -31.77 -1.47 -30.12
CA ALA B 137 -32.26 -0.56 -31.14
C ALA B 137 -31.14 0.39 -31.58
N SER B 138 -31.49 1.31 -32.46
CA SER B 138 -30.55 2.32 -32.95
C SER B 138 -30.89 3.71 -32.41
N ASP B 148 -35.51 1.87 -40.85
CA ASP B 148 -34.85 3.17 -40.81
C ASP B 148 -34.13 3.39 -39.49
N TYR B 149 -33.29 2.43 -39.11
CA TYR B 149 -32.50 2.53 -37.89
C TYR B 149 -31.28 1.63 -37.97
N SER B 150 -31.28 0.57 -37.16
CA SER B 150 -30.24 -0.45 -37.06
C SER B 150 -30.65 -1.36 -35.93
N GLU B 151 -30.99 -2.60 -36.23
CA GLU B 151 -31.52 -3.53 -35.24
C GLU B 151 -30.56 -4.68 -34.99
N ILE B 152 -30.44 -5.06 -33.72
CA ILE B 152 -29.55 -6.14 -33.29
C ILE B 152 -30.30 -7.00 -32.30
N PHE B 153 -30.13 -8.32 -32.42
CA PHE B 153 -30.69 -9.28 -31.47
C PHE B 153 -29.55 -10.20 -31.03
N THR B 154 -29.02 -9.94 -29.84
CA THR B 154 -27.93 -10.76 -29.31
C THR B 154 -28.48 -11.99 -28.62
N VAL B 155 -27.77 -13.11 -28.77
CA VAL B 155 -28.15 -14.38 -28.18
C VAL B 155 -26.93 -14.92 -27.46
N THR B 156 -26.87 -14.73 -26.14
CA THR B 156 -25.78 -15.29 -25.33
C THR B 156 -26.17 -16.70 -24.91
N LYS B 157 -25.46 -17.26 -23.93
CA LYS B 157 -25.77 -18.59 -23.45
C LYS B 157 -27.09 -18.55 -22.69
N ASP B 158 -28.06 -19.34 -23.14
CA ASP B 158 -29.39 -19.36 -22.56
C ASP B 158 -29.42 -20.29 -21.35
N LEU B 159 -29.57 -19.70 -20.16
CA LEU B 159 -29.61 -20.46 -18.92
C LEU B 159 -30.88 -20.10 -18.15
N PRO B 160 -31.61 -21.08 -17.64
CA PRO B 160 -32.84 -20.79 -16.90
C PRO B 160 -32.55 -20.12 -15.57
N LEU B 161 -33.63 -19.70 -14.89
CA LEU B 161 -33.52 -19.02 -13.62
C LEU B 161 -33.12 -19.95 -12.48
N ASP B 162 -33.16 -21.27 -12.69
CA ASP B 162 -32.79 -22.24 -11.68
C ASP B 162 -31.39 -22.79 -11.87
N GLU B 163 -30.64 -22.25 -12.82
CA GLU B 163 -29.27 -22.70 -13.03
C GLU B 163 -28.38 -22.22 -11.88
N PRO B 164 -27.43 -23.04 -11.42
CA PRO B 164 -26.57 -22.62 -10.30
C PRO B 164 -25.81 -21.34 -10.57
N ARG B 165 -25.42 -21.08 -11.82
CA ARG B 165 -24.69 -19.86 -12.12
C ARG B 165 -25.61 -18.65 -12.08
N VAL B 166 -26.89 -18.81 -12.43
CA VAL B 166 -27.83 -17.70 -12.34
C VAL B 166 -28.31 -17.53 -10.91
N GLU B 167 -28.41 -18.61 -10.14
CA GLU B 167 -28.79 -18.50 -8.73
C GLU B 167 -27.69 -17.84 -7.92
N ALA B 168 -26.42 -18.11 -8.26
CA ALA B 168 -25.30 -17.47 -7.60
C ALA B 168 -25.11 -16.02 -8.06
N LYS B 169 -25.96 -15.55 -8.98
CA LYS B 169 -25.94 -14.17 -9.45
C LYS B 169 -24.61 -13.80 -10.11
N TRP B 170 -24.07 -14.72 -10.90
CA TRP B 170 -22.93 -14.41 -11.73
C TRP B 170 -23.30 -13.33 -12.75
N PRO B 171 -22.38 -12.44 -13.09
CA PRO B 171 -22.68 -11.40 -14.08
C PRO B 171 -22.89 -11.99 -15.46
N CYS B 172 -23.80 -11.38 -16.21
CA CYS B 172 -24.15 -11.69 -17.59
C CYS B 172 -24.83 -13.05 -17.76
N HIS B 173 -25.02 -13.81 -16.68
CA HIS B 173 -25.71 -15.10 -16.76
C HIS B 173 -27.19 -14.89 -16.48
N GLY B 174 -28.03 -15.32 -17.41
CA GLY B 174 -29.46 -15.18 -17.28
C GLY B 174 -30.21 -15.77 -18.46
N PRO B 175 -31.53 -15.69 -18.43
CA PRO B 175 -32.33 -16.24 -19.53
C PRO B 175 -32.30 -15.35 -20.77
N CYS B 176 -32.51 -15.99 -21.92
CA CYS B 176 -32.55 -15.29 -23.19
C CYS B 176 -34.00 -14.91 -23.52
N PRO B 177 -34.31 -13.65 -23.77
CA PRO B 177 -35.72 -13.23 -24.00
C PRO B 177 -36.23 -13.55 -25.41
N TRP B 178 -36.61 -14.82 -25.60
CA TRP B 178 -37.18 -15.22 -26.89
C TRP B 178 -38.62 -14.74 -26.98
N PRO B 179 -39.03 -14.19 -28.12
CA PRO B 179 -40.45 -13.81 -28.27
C PRO B 179 -41.38 -15.01 -28.42
N ASP B 180 -40.88 -16.12 -28.96
CA ASP B 180 -41.67 -17.33 -29.13
C ASP B 180 -40.72 -18.48 -29.44
N VAL B 181 -41.23 -19.70 -29.31
CA VAL B 181 -40.42 -20.89 -29.59
C VAL B 181 -40.19 -21.04 -31.09
N ASP B 182 -41.02 -20.40 -31.93
CA ASP B 182 -40.82 -20.48 -33.37
C ASP B 182 -39.53 -19.80 -33.82
N MET B 183 -39.00 -18.88 -33.01
CA MET B 183 -37.72 -18.24 -33.28
C MET B 183 -36.56 -18.90 -32.54
N ARG B 184 -36.83 -19.54 -31.40
CA ARG B 184 -35.75 -20.11 -30.59
C ARG B 184 -35.15 -21.34 -31.26
N THR B 185 -36.00 -22.24 -31.76
CA THR B 185 -35.50 -23.49 -32.32
C THR B 185 -34.60 -23.33 -33.52
N PRO B 186 -34.95 -22.55 -34.56
CA PRO B 186 -34.04 -22.45 -35.72
C PRO B 186 -32.72 -21.76 -35.42
N ILE B 187 -32.72 -20.75 -34.56
CA ILE B 187 -31.47 -20.05 -34.24
C ILE B 187 -30.55 -20.94 -33.40
N GLN B 188 -31.14 -21.74 -32.50
CA GLN B 188 -30.33 -22.63 -31.67
C GLN B 188 -29.66 -23.72 -32.50
N GLN B 189 -30.41 -24.31 -33.44
CA GLN B 189 -29.81 -25.33 -34.30
C GLN B 189 -28.73 -24.72 -35.19
N TYR B 190 -28.89 -23.46 -35.57
CA TYR B 190 -27.86 -22.79 -36.38
C TYR B 190 -26.61 -22.51 -35.55
N MET B 191 -26.79 -22.13 -34.28
CA MET B 191 -25.64 -21.88 -33.42
C MET B 191 -24.91 -23.17 -33.06
N ASP B 192 -25.63 -24.29 -32.97
CA ASP B 192 -24.98 -25.56 -32.68
C ASP B 192 -24.13 -26.03 -33.84
N SER B 193 -24.57 -25.76 -35.08
CA SER B 193 -23.77 -26.13 -36.24
C SER B 193 -22.55 -25.23 -36.39
N LEU B 194 -22.70 -23.94 -36.05
CA LEU B 194 -21.54 -23.04 -36.07
C LEU B 194 -20.57 -23.33 -34.95
N GLY B 195 -21.07 -23.87 -33.82
CA GLY B 195 -20.16 -24.28 -32.75
C GLY B 195 -19.28 -25.44 -33.16
N LYS B 196 -19.84 -26.37 -33.94
CA LYS B 196 -19.04 -27.48 -34.44
C LYS B 196 -18.00 -27.02 -35.45
N SER B 197 -18.37 -26.06 -36.31
CA SER B 197 -17.42 -25.53 -37.28
C SER B 197 -16.32 -24.75 -36.58
N GLY B 198 -16.66 -24.03 -35.52
CA GLY B 198 -15.65 -23.30 -34.77
C GLY B 198 -14.64 -24.20 -34.09
N GLU B 199 -15.07 -25.38 -33.64
CA GLU B 199 -14.15 -26.29 -32.96
C GLU B 199 -13.19 -26.93 -33.94
N THR B 200 -13.67 -27.28 -35.13
CA THR B 200 -12.77 -27.83 -36.15
C THR B 200 -11.78 -26.78 -36.63
N LEU B 201 -12.21 -25.51 -36.71
CA LEU B 201 -11.30 -24.45 -37.11
C LEU B 201 -10.18 -24.26 -36.10
N LEU B 202 -10.49 -24.37 -34.81
CA LEU B 202 -9.47 -24.25 -33.79
C LEU B 202 -8.47 -25.39 -33.86
N GLN B 203 -8.95 -26.61 -34.16
CA GLN B 203 -8.04 -27.73 -34.35
C GLN B 203 -7.18 -27.56 -35.59
N MET B 204 -7.70 -26.87 -36.61
CA MET B 204 -6.89 -26.58 -37.78
C MET B 204 -5.76 -25.60 -37.45
N ILE B 205 -6.04 -24.64 -36.56
CA ILE B 205 -5.02 -23.68 -36.16
C ILE B 205 -3.95 -24.36 -35.32
N GLU B 206 -4.36 -25.33 -34.49
CA GLU B 206 -3.39 -26.07 -33.68
C GLU B 206 -2.47 -26.91 -34.53
N TYR B 207 -2.98 -27.47 -35.64
CA TYR B 207 -2.15 -28.28 -36.51
C TYR B 207 -1.21 -27.43 -37.36
N GLY B 208 -1.69 -26.26 -37.80
CA GLY B 208 -0.86 -25.40 -38.63
C GLY B 208 0.27 -24.75 -37.86
N LEU B 209 -0.01 -24.29 -36.64
CA LEU B 209 1.00 -23.67 -35.79
C LEU B 209 1.86 -24.68 -35.05
N SER B 210 1.60 -25.97 -35.22
CA SER B 210 2.35 -27.04 -34.56
C SER B 210 2.33 -26.89 -33.04
N LEU B 211 1.19 -26.47 -32.51
CA LEU B 211 1.03 -26.33 -31.07
C LEU B 211 0.71 -27.69 -30.45
N HIS B 212 0.81 -27.75 -29.12
CA HIS B 212 0.42 -28.95 -28.42
C HIS B 212 -1.08 -29.19 -28.61
N PRO B 213 -1.51 -30.45 -28.75
CA PRO B 213 -2.95 -30.70 -28.94
C PRO B 213 -3.77 -30.18 -27.76
N ASP B 214 -5.00 -29.76 -28.08
CA ASP B 214 -5.93 -29.21 -27.10
C ASP B 214 -5.37 -27.95 -26.43
N THR B 215 -4.56 -27.18 -27.15
CA THR B 215 -4.07 -25.91 -26.63
C THR B 215 -5.14 -24.84 -26.70
N LEU B 216 -5.89 -24.80 -27.80
CA LEU B 216 -6.97 -23.83 -27.98
C LEU B 216 -8.35 -24.41 -27.68
N THR B 217 -8.56 -25.68 -27.98
CA THR B 217 -9.88 -26.29 -27.79
C THR B 217 -10.22 -26.48 -26.31
N SER B 218 -9.23 -26.50 -25.42
CA SER B 218 -9.52 -26.64 -24.01
C SER B 218 -10.08 -25.37 -23.39
N LEU B 219 -9.89 -24.22 -24.04
CA LEU B 219 -10.43 -22.97 -23.53
C LEU B 219 -11.91 -22.80 -23.86
N THR B 220 -12.37 -23.39 -24.95
CA THR B 220 -13.74 -23.24 -25.42
C THR B 220 -14.68 -24.31 -24.86
N LYS B 221 -14.22 -25.12 -23.90
CA LYS B 221 -15.11 -26.07 -23.25
C LYS B 221 -16.19 -25.32 -22.48
N ASP B 222 -17.44 -25.52 -22.87
CA ASP B 222 -18.57 -24.71 -22.39
C ASP B 222 -18.29 -23.23 -22.63
N GLY B 223 -17.83 -22.92 -23.84
CA GLY B 223 -17.45 -21.57 -24.17
C GLY B 223 -18.63 -20.62 -24.19
N TRP B 224 -18.32 -19.34 -24.01
CA TRP B 224 -19.32 -18.28 -23.96
C TRP B 224 -19.66 -17.80 -25.37
N HIS B 225 -20.09 -18.74 -26.21
CA HIS B 225 -20.46 -18.44 -27.58
C HIS B 225 -21.72 -17.59 -27.61
N HIS B 226 -21.71 -16.54 -28.44
CA HIS B 226 -22.87 -15.69 -28.62
C HIS B 226 -23.03 -15.32 -30.09
N LEU B 227 -24.26 -15.05 -30.49
CA LEU B 227 -24.60 -14.74 -31.87
C LEU B 227 -25.23 -13.35 -31.93
N ARG B 228 -24.92 -12.63 -33.01
CA ARG B 228 -25.41 -11.27 -33.21
C ARG B 228 -26.21 -11.22 -34.50
N ILE B 229 -27.53 -11.11 -34.38
CA ILE B 229 -28.43 -11.00 -35.53
C ILE B 229 -28.59 -9.52 -35.86
N LEU B 230 -28.16 -9.13 -37.05
CA LEU B 230 -28.12 -7.73 -37.45
C LEU B 230 -29.13 -7.43 -38.55
N ARG B 231 -29.53 -6.15 -38.61
CA ARG B 231 -30.36 -5.65 -39.70
C ARG B 231 -29.95 -4.21 -40.00
N PHE B 232 -29.53 -3.95 -41.24
CA PHE B 232 -29.11 -2.63 -41.65
C PHE B 232 -30.08 -2.06 -42.66
N PRO B 233 -30.58 -0.83 -42.46
CA PRO B 233 -31.59 -0.28 -43.37
C PRO B 233 -31.00 0.28 -44.65
N GLN B 234 -31.85 0.92 -45.46
CA GLN B 234 -31.40 1.53 -46.70
C GLN B 234 -30.63 2.82 -46.41
N ASN B 235 -30.00 3.34 -47.47
CA ASN B 235 -29.18 4.55 -47.38
C ASN B 235 -30.01 5.84 -47.41
N ASN B 236 -31.33 5.74 -47.37
CA ASN B 236 -32.18 6.93 -47.41
C ASN B 236 -32.01 7.78 -46.15
N THR B 252 -12.71 -3.14 -34.30
CA THR B 252 -12.43 -4.57 -34.23
C THR B 252 -13.51 -5.31 -33.45
N ASP B 253 -13.22 -6.58 -33.12
CA ASP B 253 -14.13 -7.42 -32.36
C ASP B 253 -13.29 -8.35 -31.48
N TYR B 254 -13.50 -8.25 -30.18
CA TYR B 254 -12.72 -8.96 -29.16
C TYR B 254 -13.22 -10.39 -29.00
N GLY B 255 -12.52 -11.34 -29.62
CA GLY B 255 -12.90 -12.73 -29.53
C GLY B 255 -11.92 -13.59 -30.30
N LEU B 256 -12.15 -14.90 -30.23
CA LEU B 256 -11.25 -15.85 -30.91
C LEU B 256 -11.50 -15.88 -32.42
N LEU B 257 -12.63 -16.45 -32.83
CA LEU B 257 -12.99 -16.55 -34.24
C LEU B 257 -14.36 -15.93 -34.45
N VAL B 258 -14.52 -15.24 -35.57
CA VAL B 258 -15.78 -14.60 -35.92
C VAL B 258 -16.28 -15.23 -37.22
N ILE B 259 -17.37 -15.98 -37.15
CA ILE B 259 -18.00 -16.58 -38.31
C ILE B 259 -19.17 -15.70 -38.72
N ALA B 260 -19.11 -15.13 -39.91
CA ALA B 260 -20.09 -14.18 -40.39
C ALA B 260 -20.76 -14.73 -41.65
N ALA B 261 -22.09 -14.62 -41.70
CA ALA B 261 -22.87 -14.99 -42.87
C ALA B 261 -23.75 -13.83 -43.26
N GLN B 262 -23.88 -13.60 -44.57
CA GLN B 262 -24.61 -12.45 -45.09
C GLN B 262 -25.52 -12.89 -46.22
N ASP B 263 -26.35 -11.96 -46.68
CA ASP B 263 -27.28 -12.20 -47.77
C ASP B 263 -26.67 -11.70 -49.08
N GLU B 264 -27.52 -11.39 -50.07
CA GLU B 264 -27.06 -10.97 -51.39
C GLU B 264 -26.86 -9.47 -51.51
N VAL B 265 -27.27 -8.68 -50.50
CA VAL B 265 -27.11 -7.23 -50.60
C VAL B 265 -25.65 -6.83 -50.45
N GLY B 266 -25.01 -7.29 -49.38
CA GLY B 266 -23.60 -7.03 -49.17
C GLY B 266 -23.33 -5.65 -48.59
N GLY B 267 -22.13 -5.51 -48.04
CA GLY B 267 -21.71 -4.26 -47.44
C GLY B 267 -20.64 -4.43 -46.38
N LEU B 268 -19.93 -5.57 -46.42
CA LEU B 268 -18.89 -5.86 -45.44
C LEU B 268 -17.53 -5.42 -45.96
N PHE B 269 -16.79 -4.71 -45.11
CA PHE B 269 -15.44 -4.26 -45.44
C PHE B 269 -14.49 -4.74 -44.35
N ILE B 270 -13.26 -5.09 -44.75
CA ILE B 270 -12.24 -5.56 -43.82
C ILE B 270 -10.94 -4.82 -44.10
N ARG B 271 -10.00 -4.93 -43.16
CA ARG B 271 -8.69 -4.30 -43.27
C ARG B 271 -7.62 -5.38 -43.30
N PRO B 272 -6.85 -5.50 -44.37
CA PRO B 272 -5.83 -6.56 -44.44
C PRO B 272 -4.68 -6.27 -43.49
N PRO B 273 -3.86 -7.29 -43.17
CA PRO B 273 -2.69 -7.10 -42.32
C PRO B 273 -1.65 -6.17 -42.94
N ARG B 295 -7.29 1.85 -47.02
CA ARG B 295 -6.79 0.52 -47.37
C ARG B 295 -7.84 -0.55 -47.08
N TRP B 296 -9.12 -0.17 -47.18
CA TRP B 296 -10.20 -1.10 -46.91
C TRP B 296 -10.48 -1.99 -48.12
N VAL B 297 -10.97 -3.19 -47.85
CA VAL B 297 -11.27 -4.18 -48.88
C VAL B 297 -12.71 -4.64 -48.70
N TYR B 298 -13.47 -4.62 -49.79
CA TYR B 298 -14.87 -5.04 -49.77
C TYR B 298 -14.96 -6.56 -49.89
N VAL B 299 -15.77 -7.16 -49.03
CA VAL B 299 -16.00 -8.61 -49.05
C VAL B 299 -17.28 -8.87 -49.83
N PRO B 300 -17.19 -9.43 -51.03
CA PRO B 300 -18.40 -9.65 -51.84
C PRO B 300 -19.19 -10.84 -51.32
N PRO B 301 -20.52 -10.77 -51.40
CA PRO B 301 -21.34 -11.91 -50.97
C PRO B 301 -21.21 -13.06 -51.97
N VAL B 302 -20.81 -14.23 -51.47
CA VAL B 302 -20.69 -15.43 -52.27
C VAL B 302 -21.67 -16.45 -51.71
N PRO B 303 -22.57 -17.00 -52.52
CA PRO B 303 -23.58 -17.92 -51.98
C PRO B 303 -22.96 -19.23 -51.53
N GLY B 304 -23.42 -19.72 -50.38
CA GLY B 304 -23.03 -21.02 -49.88
C GLY B 304 -21.75 -21.06 -49.08
N VAL B 305 -21.23 -19.91 -48.64
CA VAL B 305 -20.02 -19.86 -47.83
C VAL B 305 -20.20 -18.80 -46.75
N PHE B 306 -19.46 -18.99 -45.66
CA PHE B 306 -19.36 -17.99 -44.60
C PHE B 306 -17.91 -17.58 -44.43
N THR B 307 -17.70 -16.37 -43.92
CA THR B 307 -16.37 -15.81 -43.77
C THR B 307 -15.90 -15.93 -42.32
N VAL B 308 -14.62 -16.27 -42.15
CA VAL B 308 -14.02 -16.45 -40.85
C VAL B 308 -12.77 -15.58 -40.77
N PHE B 309 -12.69 -14.75 -39.72
CA PHE B 309 -11.52 -13.91 -39.48
C PHE B 309 -11.24 -13.86 -37.98
N PRO B 310 -9.97 -13.86 -37.58
CA PRO B 310 -9.65 -13.86 -36.15
C PRO B 310 -9.96 -12.53 -35.49
N GLY B 311 -9.84 -12.53 -34.16
CA GLY B 311 -10.10 -11.35 -33.37
C GLY B 311 -8.95 -10.95 -32.48
N ASP B 312 -9.26 -10.30 -31.35
CA ASP B 312 -8.21 -9.80 -30.47
C ASP B 312 -7.58 -10.93 -29.64
N ILE B 313 -8.39 -11.88 -29.17
CA ILE B 313 -7.86 -12.96 -28.35
C ILE B 313 -6.93 -13.84 -29.16
N MET B 314 -7.18 -13.99 -30.47
CA MET B 314 -6.29 -14.78 -31.30
C MET B 314 -4.96 -14.06 -31.51
N GLN B 315 -4.99 -12.74 -31.69
CA GLN B 315 -3.76 -11.97 -31.83
C GLN B 315 -2.95 -11.97 -30.54
N PHE B 316 -3.62 -11.96 -29.39
CA PHE B 316 -2.91 -11.94 -28.11
C PHE B 316 -2.15 -13.25 -27.87
N MET B 317 -2.77 -14.38 -28.21
CA MET B 317 -2.14 -15.67 -27.95
C MET B 317 -1.07 -16.01 -28.98
N THR B 318 -1.18 -15.49 -30.21
CA THR B 318 -0.30 -15.86 -31.30
C THR B 318 0.78 -14.83 -31.58
N ASN B 319 0.86 -13.75 -30.80
CA ASN B 319 1.85 -12.69 -30.98
C ASN B 319 1.72 -12.07 -32.37
N SER B 320 0.51 -11.60 -32.68
CA SER B 320 0.19 -10.92 -33.93
C SER B 320 0.45 -11.80 -35.16
N TYR B 321 0.60 -13.11 -34.97
CA TYR B 321 0.75 -14.01 -36.11
C TYR B 321 -0.52 -14.05 -36.95
N LEU B 322 -1.67 -14.26 -36.29
CA LEU B 322 -2.97 -14.12 -36.92
C LEU B 322 -3.59 -12.82 -36.43
N PRO B 323 -3.47 -11.72 -37.18
CA PRO B 323 -3.86 -10.42 -36.64
C PRO B 323 -5.37 -10.26 -36.56
N SER B 324 -5.79 -9.33 -35.70
CA SER B 324 -7.20 -8.99 -35.58
C SER B 324 -7.62 -8.15 -36.77
N THR B 325 -8.68 -8.59 -37.46
CA THR B 325 -9.12 -7.94 -38.68
C THR B 325 -10.28 -7.01 -38.38
N PRO B 326 -10.13 -5.70 -38.51
CA PRO B 326 -11.26 -4.80 -38.31
C PRO B 326 -12.29 -4.96 -39.41
N HIS B 327 -13.54 -4.67 -39.07
CA HIS B 327 -14.65 -4.81 -40.01
C HIS B 327 -15.64 -3.68 -39.82
N LYS B 328 -16.10 -3.13 -40.95
CA LYS B 328 -17.12 -2.08 -40.96
C LYS B 328 -18.21 -2.43 -41.95
N VAL B 329 -19.41 -1.94 -41.69
CA VAL B 329 -20.57 -2.22 -42.53
C VAL B 329 -21.09 -0.90 -43.10
N GLY B 330 -21.40 -0.90 -44.39
CA GLY B 330 -21.93 0.26 -45.07
C GLY B 330 -23.38 0.04 -45.49
N LEU B 331 -24.19 1.09 -45.36
CA LEU B 331 -25.59 1.01 -45.72
C LEU B 331 -25.75 1.04 -47.23
N ASN B 332 -26.52 0.09 -47.76
CA ASN B 332 -26.74 -0.04 -49.19
C ASN B 332 -28.10 0.54 -49.55
N THR B 333 -28.53 0.33 -50.79
CA THR B 333 -29.82 0.86 -51.25
C THR B 333 -31.00 0.07 -50.69
N ARG B 334 -30.79 -1.17 -50.27
CA ARG B 334 -31.84 -2.00 -49.71
C ARG B 334 -31.42 -2.49 -48.33
N GLU B 335 -32.39 -3.03 -47.59
CA GLU B 335 -32.11 -3.54 -46.26
C GLU B 335 -31.25 -4.81 -46.35
N ARG B 336 -30.35 -4.97 -45.38
CA ARG B 336 -29.42 -6.09 -45.37
C ARG B 336 -29.56 -6.84 -44.05
N PHE B 337 -29.61 -8.17 -44.13
CA PHE B 337 -29.66 -9.04 -42.96
C PHE B 337 -28.41 -9.91 -42.96
N ALA B 338 -27.76 -10.00 -41.79
CA ALA B 338 -26.52 -10.75 -41.67
C ALA B 338 -26.43 -11.33 -40.27
N PHE B 339 -25.51 -12.27 -40.10
CA PHE B 339 -25.25 -12.92 -38.82
C PHE B 339 -23.79 -12.73 -38.43
N ALA B 340 -23.54 -12.76 -37.13
CA ALA B 340 -22.19 -12.60 -36.59
C ALA B 340 -22.01 -13.57 -35.43
N TYR B 341 -21.34 -14.68 -35.69
CA TYR B 341 -21.09 -15.70 -34.68
C TYR B 341 -19.71 -15.49 -34.07
N PHE B 342 -19.62 -15.66 -32.76
CA PHE B 342 -18.38 -15.45 -32.02
C PHE B 342 -18.05 -16.73 -31.26
N HIS B 343 -17.04 -17.46 -31.75
CA HIS B 343 -16.54 -18.63 -31.05
C HIS B 343 -15.59 -18.14 -29.96
N GLU B 344 -15.98 -18.33 -28.70
CA GLU B 344 -15.33 -17.69 -27.58
C GLU B 344 -14.89 -18.72 -26.55
N PRO B 345 -13.89 -18.39 -25.74
CA PRO B 345 -13.51 -19.27 -24.63
C PRO B 345 -14.59 -19.29 -23.55
N SER B 346 -14.38 -20.16 -22.56
CA SER B 346 -15.29 -20.22 -21.43
C SER B 346 -15.26 -18.92 -20.64
N PHE B 347 -16.39 -18.60 -20.01
CA PHE B 347 -16.47 -17.39 -19.20
C PHE B 347 -15.50 -17.46 -18.01
N GLN B 348 -15.15 -18.66 -17.57
CA GLN B 348 -14.24 -18.85 -16.46
C GLN B 348 -12.79 -19.07 -16.89
N ALA B 349 -12.54 -19.28 -18.18
CA ALA B 349 -11.19 -19.56 -18.64
C ALA B 349 -10.33 -18.31 -18.68
N VAL B 350 -9.06 -18.47 -18.35
CA VAL B 350 -8.07 -17.40 -18.39
C VAL B 350 -7.05 -17.77 -19.46
N VAL B 351 -7.05 -17.03 -20.56
CA VAL B 351 -6.15 -17.33 -21.68
C VAL B 351 -4.75 -16.82 -21.37
N SER B 352 -3.75 -17.50 -21.93
CA SER B 352 -2.35 -17.15 -21.76
C SER B 352 -1.65 -17.27 -23.10
N PRO B 353 -0.65 -16.43 -23.36
CA PRO B 353 0.04 -16.49 -24.65
C PRO B 353 0.79 -17.80 -24.85
N VAL B 354 0.93 -18.19 -26.11
CA VAL B 354 1.67 -19.39 -26.46
C VAL B 354 3.16 -19.08 -26.39
N ALA B 355 3.89 -19.87 -25.60
CA ALA B 355 5.33 -19.65 -25.45
C ALA B 355 6.10 -19.95 -26.73
N LYS B 356 5.57 -20.80 -27.61
CA LYS B 356 6.26 -21.13 -28.85
C LYS B 356 6.26 -19.96 -29.83
N LEU B 357 5.12 -19.29 -29.98
CA LEU B 357 4.99 -18.18 -30.92
C LEU B 357 5.60 -16.89 -30.43
N TYR B 358 6.20 -16.88 -29.24
CA TYR B 358 6.89 -15.71 -28.71
C TYR B 358 8.38 -15.99 -28.64
N ASP B 359 9.18 -15.11 -29.24
CA ASP B 359 10.63 -15.22 -29.16
C ASP B 359 11.07 -15.12 -27.71
N GLY B 360 11.84 -16.11 -27.25
CA GLY B 360 12.31 -16.10 -25.88
C GLY B 360 11.16 -16.34 -24.92
N GLN B 361 11.00 -15.43 -23.95
CA GLN B 361 10.01 -15.53 -22.88
C GLN B 361 8.71 -14.84 -23.29
N PRO B 362 7.57 -15.44 -22.98
CA PRO B 362 6.29 -14.82 -23.29
C PRO B 362 5.92 -13.77 -22.26
N PRO B 363 5.00 -12.86 -22.58
CA PRO B 363 4.60 -11.84 -21.60
C PRO B 363 3.93 -12.45 -20.39
N VAL B 364 4.03 -11.73 -19.26
CA VAL B 364 3.45 -12.22 -18.01
C VAL B 364 1.95 -12.00 -17.94
N GLU B 365 1.41 -11.09 -18.75
CA GLU B 365 -0.01 -10.76 -18.68
C GLU B 365 -0.86 -11.95 -19.10
N LYS B 366 -2.07 -12.00 -18.56
CA LYS B 366 -3.05 -13.03 -18.86
C LYS B 366 -4.43 -12.40 -18.87
N ILE B 367 -5.26 -12.79 -19.84
CA ILE B 367 -6.58 -12.21 -20.03
C ILE B 367 -7.63 -13.20 -19.54
N HIS B 368 -8.39 -12.79 -18.54
CA HIS B 368 -9.55 -13.54 -18.07
C HIS B 368 -10.74 -13.13 -18.92
N TYR B 369 -11.27 -14.08 -19.70
CA TYR B 369 -12.31 -13.75 -20.67
C TYR B 369 -13.58 -13.25 -20.00
N GLY B 370 -13.91 -13.77 -18.82
CA GLY B 370 -15.11 -13.32 -18.13
C GLY B 370 -15.06 -11.83 -17.80
N THR B 371 -13.90 -11.34 -17.36
CA THR B 371 -13.76 -9.92 -17.10
C THR B 371 -13.73 -9.11 -18.39
N HIS B 372 -13.13 -9.67 -19.44
CA HIS B 372 -13.04 -8.96 -20.71
C HIS B 372 -14.42 -8.82 -21.37
N PHE B 373 -15.25 -9.86 -21.25
CA PHE B 373 -16.58 -9.81 -21.85
C PHE B 373 -17.48 -8.80 -21.16
N THR B 374 -17.51 -8.82 -19.83
CA THR B 374 -18.40 -7.93 -19.08
C THR B 374 -17.99 -6.48 -19.24
N ASN B 375 -16.69 -6.19 -19.29
CA ASN B 375 -16.24 -4.81 -19.43
C ASN B 375 -16.58 -4.24 -20.81
N MET B 376 -16.64 -5.10 -21.83
CA MET B 376 -16.93 -4.62 -23.18
C MET B 376 -18.41 -4.29 -23.36
N PHE B 377 -19.29 -5.11 -22.79
CA PHE B 377 -20.73 -4.88 -22.94
C PHE B 377 -21.23 -3.76 -22.03
N MET B 378 -20.57 -3.53 -20.89
CA MET B 378 -20.98 -2.43 -20.03
C MET B 378 -20.65 -1.07 -20.66
N ARG B 379 -19.66 -1.04 -21.54
CA ARG B 379 -19.31 0.20 -22.23
C ARG B 379 -20.15 0.45 -23.47
N ASN B 380 -20.50 -0.62 -24.20
CA ASN B 380 -21.29 -0.46 -25.41
C ASN B 380 -22.75 -0.20 -25.09
N TYR B 381 -23.28 -0.82 -24.03
CA TYR B 381 -24.68 -0.67 -23.63
C TYR B 381 -24.73 -0.17 -22.20
N PRO B 382 -24.53 1.14 -21.98
CA PRO B 382 -24.52 1.66 -20.61
C PRO B 382 -25.91 1.85 -20.02
N ASP B 383 -26.85 2.32 -20.84
CA ASP B 383 -28.20 2.63 -20.40
C ASP B 383 -29.11 1.41 -20.37
N ARG B 384 -28.57 0.21 -20.50
CA ARG B 384 -29.38 -1.00 -20.50
C ARG B 384 -29.73 -1.39 -19.07
N ILE B 385 -30.90 -2.02 -18.91
CA ILE B 385 -31.35 -2.44 -17.59
C ILE B 385 -30.45 -3.50 -17.00
N THR B 386 -29.75 -4.27 -17.84
CA THR B 386 -28.81 -5.27 -17.32
C THR B 386 -27.61 -4.61 -16.67
N THR B 387 -27.14 -3.49 -17.24
CA THR B 387 -25.99 -2.80 -16.68
C THR B 387 -26.31 -2.18 -15.33
N GLU B 388 -27.52 -1.62 -15.18
CA GLU B 388 -27.90 -1.01 -13.91
C GLU B 388 -27.98 -2.04 -12.80
N ARG B 389 -28.38 -3.27 -13.12
CA ARG B 389 -28.48 -4.32 -12.10
C ARG B 389 -27.10 -4.80 -11.68
N ILE B 390 -26.16 -4.91 -12.62
CA ILE B 390 -24.80 -5.33 -12.28
C ILE B 390 -24.13 -4.31 -11.37
N ILE B 391 -24.46 -3.03 -11.53
CA ILE B 391 -23.86 -2.00 -10.69
C ILE B 391 -24.56 -1.93 -9.33
N LYS B 392 -25.89 -2.02 -9.33
CA LYS B 392 -26.64 -1.92 -8.08
C LYS B 392 -26.38 -3.11 -7.17
N GLU B 393 -26.47 -4.32 -7.71
CA GLU B 393 -26.22 -5.51 -6.90
C GLU B 393 -24.74 -5.81 -6.69
N ASP B 394 -23.85 -5.03 -7.32
CA ASP B 394 -22.39 -5.17 -7.14
C ASP B 394 -21.93 -6.59 -7.48
N ARG B 395 -22.35 -7.08 -8.64
CA ARG B 395 -21.97 -8.41 -9.10
C ARG B 395 -20.54 -8.48 -9.62
N LEU B 396 -19.89 -7.34 -9.85
CA LEU B 396 -18.52 -7.34 -10.34
C LEU B 396 -17.54 -7.91 -9.34
N GLN B 397 -17.89 -7.95 -8.05
CA GLN B 397 -17.00 -8.51 -7.04
C GLN B 397 -16.78 -10.01 -7.20
N LEU B 398 -17.66 -10.70 -7.93
CA LEU B 398 -17.48 -12.13 -8.15
C LEU B 398 -16.36 -12.44 -9.13
N LEU B 399 -16.01 -11.50 -10.01
CA LEU B 399 -14.98 -11.75 -11.01
C LEU B 399 -13.61 -11.97 -10.40
N ASP B 400 -13.39 -11.55 -9.16
CA ASP B 400 -12.12 -11.77 -8.49
C ASP B 400 -12.07 -13.07 -7.70
N ARG B 401 -13.21 -13.73 -7.49
CA ARG B 401 -13.24 -14.96 -6.73
C ARG B 401 -12.67 -16.12 -7.54
N PRO B 402 -12.03 -17.09 -6.89
CA PRO B 402 -11.44 -18.21 -7.64
C PRO B 402 -12.46 -19.12 -8.29
N GLU B 403 -13.72 -19.14 -7.80
CA GLU B 403 -14.73 -19.99 -8.41
C GLU B 403 -15.08 -19.56 -9.83
N LEU B 404 -14.82 -18.30 -10.19
CA LEU B 404 -15.04 -17.81 -11.54
C LEU B 404 -13.79 -17.84 -12.40
N ARG B 405 -12.70 -18.41 -11.89
CA ARG B 405 -11.41 -18.45 -12.61
C ARG B 405 -10.88 -19.87 -12.65
N THR B 406 -11.74 -20.81 -13.04
CA THR B 406 -11.33 -22.21 -13.13
C THR B 406 -10.75 -22.52 -14.51
N SER C 48 -23.28 41.66 14.59
CA SER C 48 -23.56 41.17 13.25
C SER C 48 -24.22 39.80 13.29
N THR C 49 -23.61 38.87 14.02
CA THR C 49 -24.11 37.52 14.17
C THR C 49 -24.63 37.23 15.58
N MET C 50 -25.02 38.26 16.32
CA MET C 50 -25.49 38.07 17.68
C MET C 50 -26.90 37.49 17.68
N PRO C 51 -27.17 36.51 18.55
CA PRO C 51 -28.53 35.98 18.65
C PRO C 51 -29.49 37.06 19.10
N PRO C 52 -30.76 36.97 18.72
CA PRO C 52 -31.72 38.02 19.08
C PRO C 52 -32.02 38.00 20.57
N ASN C 53 -32.58 39.13 21.03
CA ASN C 53 -32.99 39.35 22.41
C ASN C 53 -31.83 39.30 23.39
N TYR C 54 -30.60 39.37 22.90
CA TYR C 54 -29.40 39.40 23.74
C TYR C 54 -28.69 40.73 23.59
N VAL C 55 -28.15 41.23 24.69
CA VAL C 55 -27.40 42.49 24.71
C VAL C 55 -26.02 42.19 25.26
N ALA C 56 -25.01 42.38 24.42
CA ALA C 56 -23.63 42.13 24.82
C ALA C 56 -22.68 42.88 23.89
N ARG C 57 -21.44 43.02 24.35
CA ARG C 57 -20.42 43.71 23.57
C ARG C 57 -19.65 42.70 22.72
N VAL C 58 -19.30 43.12 21.51
CA VAL C 58 -18.54 42.26 20.60
C VAL C 58 -17.11 42.14 21.09
N GLY C 59 -16.57 40.93 21.08
CA GLY C 59 -15.24 40.66 21.59
C GLY C 59 -14.18 40.79 20.51
N GLN C 60 -13.13 41.53 20.81
CA GLN C 60 -11.98 41.70 19.94
C GLN C 60 -10.82 40.89 20.51
N LEU C 61 -10.84 39.59 20.23
CA LEU C 61 -9.85 38.69 20.80
C LEU C 61 -8.57 38.70 19.96
N LYS C 62 -7.45 38.43 20.64
CA LYS C 62 -6.17 38.36 19.96
C LYS C 62 -5.96 36.96 19.36
N THR C 63 -5.38 36.94 18.16
CA THR C 63 -5.14 35.70 17.43
C THR C 63 -3.65 35.45 17.35
N PHE C 64 -3.24 34.22 17.66
CA PHE C 64 -1.84 33.84 17.67
C PHE C 64 -1.63 32.63 16.77
N THR C 65 -0.36 32.30 16.55
CA THR C 65 0.04 31.14 15.76
C THR C 65 1.00 30.30 16.57
N LEU C 66 0.59 29.06 16.89
CA LEU C 66 1.43 28.18 17.68
C LEU C 66 2.61 27.69 16.84
N PRO C 67 3.80 27.61 17.41
CA PRO C 67 4.95 27.08 16.67
C PRO C 67 4.82 25.57 16.46
N GLU C 68 5.51 25.09 15.43
CA GLU C 68 5.45 23.65 15.12
C GLU C 68 6.14 22.82 16.19
N THR C 69 7.15 23.37 16.86
CA THR C 69 7.87 22.64 17.90
C THR C 69 8.36 23.63 18.94
N ALA C 70 7.90 23.48 20.18
CA ALA C 70 8.38 24.33 21.26
C ALA C 70 9.80 23.91 21.65
N THR C 71 10.74 24.83 21.50
CA THR C 71 12.15 24.54 21.77
C THR C 71 12.73 25.37 22.91
N GLY C 72 11.95 26.27 23.51
CA GLY C 72 12.47 27.12 24.56
C GLY C 72 13.24 28.32 24.08
N SER C 73 13.15 28.67 22.79
CA SER C 73 13.84 29.82 22.26
C SER C 73 13.25 31.11 22.82
N PRO C 74 14.00 32.22 22.75
CA PRO C 74 13.43 33.51 23.19
C PRO C 74 12.17 33.90 22.44
N SER C 75 12.00 33.43 21.20
CA SER C 75 10.77 33.68 20.48
C SER C 75 9.58 32.94 21.10
N ASP C 76 9.83 31.75 21.65
CA ASP C 76 8.76 31.00 22.30
C ASP C 76 8.39 31.58 23.66
N VAL C 77 9.37 32.11 24.39
CA VAL C 77 9.08 32.71 25.68
C VAL C 77 8.28 33.99 25.52
N GLU C 78 8.62 34.79 24.51
CA GLU C 78 7.87 36.02 24.26
C GLU C 78 6.45 35.72 23.77
N LEU C 79 6.29 34.65 22.99
CA LEU C 79 4.96 34.25 22.54
C LEU C 79 4.12 33.74 23.71
N GLY C 80 4.74 32.98 24.61
CA GLY C 80 4.02 32.48 25.77
C GLY C 80 3.57 33.58 26.71
N LYS C 81 4.45 34.58 26.93
CA LYS C 81 4.09 35.70 27.79
C LYS C 81 2.98 36.55 27.16
N ALA C 82 2.96 36.66 25.83
CA ALA C 82 1.90 37.41 25.17
C ALA C 82 0.55 36.71 25.28
N MET C 83 0.54 35.37 25.25
CA MET C 83 -0.70 34.64 25.41
C MET C 83 -1.23 34.76 26.83
N ILE C 84 -0.34 34.77 27.82
CA ILE C 84 -0.77 34.90 29.20
C ILE C 84 -1.39 36.26 29.46
N ASN C 85 -0.77 37.32 28.94
CA ASN C 85 -1.33 38.66 29.08
C ASN C 85 -2.67 38.79 28.37
N ALA C 86 -2.87 38.03 27.29
CA ALA C 86 -4.17 38.04 26.61
C ALA C 86 -5.23 37.36 27.45
N TRP C 87 -4.87 36.32 28.20
CA TRP C 87 -5.83 35.63 29.05
C TRP C 87 -6.21 36.47 30.27
N ARG C 88 -5.31 37.31 30.76
CA ARG C 88 -5.61 38.11 31.94
C ARG C 88 -6.46 39.33 31.60
N GLU C 89 -6.48 39.76 30.34
CA GLU C 89 -7.25 40.94 29.93
C GLU C 89 -8.61 40.58 29.36
N ASP C 90 -8.67 39.63 28.41
CA ASP C 90 -9.92 39.25 27.79
C ASP C 90 -10.47 37.92 28.30
N GLY C 91 -9.64 37.09 28.92
CA GLY C 91 -10.08 35.80 29.41
C GLY C 91 -10.11 34.70 28.38
N ILE C 92 -9.79 35.00 27.12
CA ILE C 92 -9.88 34.00 26.05
C ILE C 92 -9.09 34.53 24.87
N LEU C 93 -8.40 33.62 24.16
CA LEU C 93 -7.64 33.96 22.97
C LEU C 93 -7.97 32.97 21.87
N GLN C 94 -7.61 33.33 20.64
CA GLN C 94 -7.85 32.52 19.46
C GLN C 94 -6.53 32.07 18.86
N VAL C 95 -6.56 30.88 18.25
CA VAL C 95 -5.38 30.29 17.62
C VAL C 95 -5.75 29.90 16.19
N SER C 96 -4.89 30.27 15.23
CA SER C 96 -5.15 29.98 13.83
C SER C 96 -5.02 28.48 13.56
N MET C 97 -6.00 27.93 12.86
CA MET C 97 -5.96 26.52 12.47
C MET C 97 -5.00 26.30 11.31
N SER C 98 -4.26 25.21 11.36
CA SER C 98 -3.48 24.79 10.21
C SER C 98 -4.43 24.26 9.13
N PRO C 99 -4.05 24.38 7.85
CA PRO C 99 -4.95 23.92 6.79
C PRO C 99 -5.34 22.45 6.90
N ARG C 100 -4.53 21.61 7.52
CA ARG C 100 -4.95 20.24 7.77
C ARG C 100 -5.95 20.16 8.91
N GLN C 101 -5.80 21.00 9.93
CA GLN C 101 -6.78 21.02 11.02
C GLN C 101 -8.13 21.50 10.54
N GLN C 102 -8.15 22.41 9.57
CA GLN C 102 -9.43 22.84 8.99
C GLN C 102 -10.10 21.70 8.24
N ALA C 103 -9.31 20.82 7.63
CA ALA C 103 -9.89 19.66 6.96
C ALA C 103 -10.44 18.66 7.96
N LEU C 104 -9.75 18.46 9.08
CA LEU C 104 -10.24 17.55 10.11
C LEU C 104 -11.47 18.13 10.82
N PHE C 105 -11.51 19.45 10.99
CA PHE C 105 -12.69 20.07 11.59
C PHE C 105 -13.91 19.95 10.70
N GLU C 106 -13.71 20.04 9.38
CA GLU C 106 -14.83 19.92 8.45
C GLU C 106 -15.34 18.48 8.39
N ASN C 107 -14.44 17.50 8.44
CA ASN C 107 -14.86 16.11 8.46
C ASN C 107 -15.60 15.77 9.74
N ALA C 108 -15.13 16.31 10.88
CA ALA C 108 -15.82 16.07 12.15
C ALA C 108 -17.18 16.76 12.16
N SER C 109 -17.28 17.94 11.54
CA SER C 109 -18.56 18.62 11.46
C SER C 109 -19.54 17.85 10.57
N ALA C 110 -19.04 17.19 9.53
CA ALA C 110 -19.92 16.37 8.69
C ALA C 110 -20.40 15.14 9.44
N ALA C 111 -19.52 14.51 10.21
CA ALA C 111 -19.93 13.37 11.02
C ALA C 111 -20.84 13.80 12.17
N SER C 112 -20.71 15.05 12.62
CA SER C 112 -21.59 15.56 13.67
C SER C 112 -23.01 15.70 13.15
N LYS C 113 -23.17 16.32 11.98
CA LYS C 113 -24.50 16.51 11.41
C LYS C 113 -25.13 15.19 11.00
N ARG C 114 -24.31 14.22 10.61
CA ARG C 114 -24.85 12.90 10.26
C ARG C 114 -25.42 12.18 11.48
N PHE C 115 -24.79 12.35 12.64
CA PHE C 115 -25.28 11.70 13.85
C PHE C 115 -26.59 12.32 14.32
N PHE C 116 -26.66 13.66 14.35
CA PHE C 116 -27.86 14.34 14.82
C PHE C 116 -29.03 14.23 13.85
N ALA C 117 -28.80 13.72 12.65
CA ALA C 117 -29.86 13.48 11.67
C ALA C 117 -30.52 12.12 11.84
N MET C 118 -30.01 11.28 12.74
CA MET C 118 -30.59 9.97 12.97
C MET C 118 -31.90 10.12 13.74
N PRO C 119 -32.77 9.11 13.68
CA PRO C 119 -34.02 9.16 14.45
C PRO C 119 -33.74 9.30 15.93
N PRO C 120 -34.68 9.86 16.70
CA PRO C 120 -34.43 10.07 18.14
C PRO C 120 -34.19 8.76 18.89
N ASN C 121 -34.90 7.69 18.51
CA ASN C 121 -34.71 6.41 19.19
C ASN C 121 -33.36 5.79 18.85
N GLN C 122 -32.81 6.10 17.68
CA GLN C 122 -31.49 5.61 17.32
C GLN C 122 -30.40 6.35 18.07
N LYS C 123 -30.63 7.61 18.41
CA LYS C 123 -29.64 8.37 19.18
C LYS C 123 -29.74 8.06 20.67
N ALA C 124 -30.96 7.85 21.18
CA ALA C 124 -31.14 7.57 22.61
C ALA C 124 -30.53 6.24 23.03
N ALA C 125 -30.26 5.35 22.08
CA ALA C 125 -29.66 4.06 22.38
C ALA C 125 -28.14 4.11 22.49
N CYS C 126 -27.53 5.29 22.35
CA CYS C 126 -26.08 5.42 22.42
C CYS C 126 -25.65 5.83 23.82
N VAL C 127 -25.85 4.91 24.77
CA VAL C 127 -25.47 5.10 26.15
C VAL C 127 -24.73 3.85 26.64
N ASP C 128 -23.77 4.07 27.54
CA ASP C 128 -22.98 2.99 28.10
C ASP C 128 -23.07 3.03 29.62
N THR C 129 -23.06 1.84 30.24
CA THR C 129 -23.21 1.75 31.68
C THR C 129 -21.90 1.97 32.43
N GLN C 130 -20.75 1.84 31.77
CA GLN C 130 -19.46 2.00 32.44
C GLN C 130 -18.77 3.32 32.12
N SER C 131 -19.06 3.94 30.98
CA SER C 131 -18.44 5.19 30.59
C SER C 131 -19.52 6.26 30.41
N TYR C 132 -19.15 7.51 30.75
CA TYR C 132 -20.07 8.63 30.60
C TYR C 132 -20.20 9.12 29.16
N ALA C 133 -19.37 8.61 28.25
CA ALA C 133 -19.51 8.97 26.85
C ALA C 133 -20.81 8.44 26.28
N GLY C 134 -21.32 9.12 25.26
CA GLY C 134 -22.54 8.71 24.60
C GLY C 134 -23.47 9.89 24.39
N TYR C 135 -24.71 9.57 24.06
CA TYR C 135 -25.70 10.59 23.70
C TYR C 135 -26.38 11.14 24.94
N ILE C 136 -26.51 12.47 24.98
CA ILE C 136 -27.21 13.17 26.05
C ILE C 136 -28.17 14.16 25.41
N ALA C 137 -29.42 14.15 25.88
CA ALA C 137 -30.48 15.01 25.36
C ALA C 137 -30.64 16.22 26.27
N SER C 138 -31.65 17.04 26.01
CA SER C 138 -31.93 18.20 26.85
C SER C 138 -33.12 17.99 27.76
N GLY C 139 -33.41 16.73 28.12
CA GLY C 139 -34.60 16.39 28.88
C GLY C 139 -35.91 16.76 28.23
N GLU C 140 -35.89 17.22 26.97
CA GLU C 140 -37.08 17.68 26.27
C GLU C 140 -37.22 16.89 24.98
N GLU C 141 -38.37 16.24 24.79
CA GLU C 141 -38.69 15.55 23.54
C GLU C 141 -39.52 16.41 22.61
N ILE C 142 -39.47 17.74 22.78
CA ILE C 142 -40.20 18.68 21.94
C ILE C 142 -39.78 18.44 20.49
N THR C 143 -40.72 17.96 19.67
CA THR C 143 -40.42 17.52 18.31
C THR C 143 -41.37 18.21 17.34
N ASP C 144 -40.85 19.12 16.54
CA ASP C 144 -41.58 19.67 15.40
C ASP C 144 -41.04 19.04 14.12
N GLY C 145 -41.02 19.80 13.03
CA GLY C 145 -40.37 19.33 11.82
C GLY C 145 -38.90 19.06 12.05
N ILE C 146 -38.19 20.05 12.60
CA ILE C 146 -36.82 19.87 13.05
C ILE C 146 -36.83 19.79 14.56
N ALA C 147 -35.77 19.19 15.12
CA ALA C 147 -35.70 19.00 16.55
C ALA C 147 -35.61 20.34 17.28
N ASP C 148 -36.23 20.40 18.46
CA ASP C 148 -36.23 21.62 19.25
C ASP C 148 -35.69 21.36 20.66
N TYR C 149 -34.51 20.77 20.74
CA TYR C 149 -33.87 20.50 22.02
C TYR C 149 -32.36 20.40 21.81
N SER C 150 -31.61 20.75 22.86
CA SER C 150 -30.15 20.77 22.80
C SER C 150 -29.60 19.37 23.05
N GLU C 151 -28.87 18.85 22.07
CA GLU C 151 -28.33 17.50 22.14
C GLU C 151 -26.82 17.55 22.30
N ILE C 152 -26.27 16.64 23.09
CA ILE C 152 -24.84 16.59 23.39
C ILE C 152 -24.37 15.15 23.27
N PHE C 153 -23.19 14.96 22.67
CA PHE C 153 -22.56 13.64 22.55
C PHE C 153 -21.13 13.74 23.08
N THR C 154 -20.91 13.27 24.29
CA THR C 154 -19.59 13.29 24.92
C THR C 154 -18.78 12.08 24.49
N VAL C 155 -17.47 12.28 24.34
CA VAL C 155 -16.55 11.22 23.91
C VAL C 155 -15.39 11.20 24.90
N THR C 156 -15.43 10.26 25.85
CA THR C 156 -14.35 10.07 26.81
C THR C 156 -13.29 9.13 26.21
N LYS C 157 -12.40 8.63 27.06
CA LYS C 157 -11.37 7.71 26.62
C LYS C 157 -11.99 6.37 26.22
N ASP C 158 -11.76 5.97 24.97
CA ASP C 158 -12.32 4.73 24.44
C ASP C 158 -11.43 3.57 24.84
N LEU C 159 -11.92 2.71 25.73
CA LEU C 159 -11.17 1.57 26.23
C LEU C 159 -12.01 0.30 26.06
N PRO C 160 -11.43 -0.78 25.55
CA PRO C 160 -12.19 -2.02 25.38
C PRO C 160 -12.54 -2.66 26.72
N LEU C 161 -13.37 -3.70 26.65
CA LEU C 161 -13.82 -4.39 27.85
C LEU C 161 -12.74 -5.25 28.50
N ASP C 162 -11.63 -5.50 27.82
CA ASP C 162 -10.54 -6.31 28.38
C ASP C 162 -9.37 -5.45 28.87
N GLU C 163 -9.54 -4.12 28.87
CA GLU C 163 -8.49 -3.25 29.38
C GLU C 163 -8.38 -3.40 30.89
N PRO C 164 -7.16 -3.38 31.44
CA PRO C 164 -7.01 -3.56 32.89
C PRO C 164 -7.79 -2.53 33.73
N ARG C 165 -7.93 -1.30 33.25
CA ARG C 165 -8.69 -0.30 34.00
C ARG C 165 -10.18 -0.59 33.96
N VAL C 166 -10.67 -1.18 32.87
CA VAL C 166 -12.09 -1.52 32.78
C VAL C 166 -12.39 -2.81 33.54
N GLU C 167 -11.44 -3.75 33.58
CA GLU C 167 -11.66 -4.99 34.32
C GLU C 167 -11.70 -4.74 35.81
N ALA C 168 -10.88 -3.81 36.31
CA ALA C 168 -10.88 -3.44 37.72
C ALA C 168 -12.07 -2.57 38.10
N LYS C 169 -12.94 -2.24 37.13
CA LYS C 169 -14.16 -1.46 37.39
C LYS C 169 -13.84 -0.08 37.96
N TRP C 170 -12.80 0.55 37.42
CA TRP C 170 -12.53 1.94 37.77
C TRP C 170 -13.70 2.82 37.31
N PRO C 171 -14.01 3.87 38.06
CA PRO C 171 -15.11 4.75 37.65
C PRO C 171 -14.76 5.51 36.37
N CYS C 172 -15.79 5.72 35.54
CA CYS C 172 -15.74 6.45 34.28
C CYS C 172 -14.91 5.76 33.21
N HIS C 173 -14.28 4.62 33.50
CA HIS C 173 -13.51 3.88 32.51
C HIS C 173 -14.42 2.84 31.85
N GLY C 174 -14.52 2.91 30.52
CA GLY C 174 -15.34 1.98 29.79
C GLY C 174 -15.31 2.23 28.29
N PRO C 175 -16.02 1.41 27.53
CA PRO C 175 -16.06 1.59 26.08
C PRO C 175 -16.95 2.75 25.67
N CYS C 176 -16.64 3.32 24.51
CA CYS C 176 -17.41 4.43 23.97
C CYS C 176 -18.49 3.88 23.03
N PRO C 177 -19.77 4.19 23.26
CA PRO C 177 -20.84 3.62 22.42
C PRO C 177 -21.01 4.36 21.09
N TRP C 178 -20.14 4.01 20.14
CA TRP C 178 -20.25 4.60 18.81
C TRP C 178 -21.40 3.96 18.04
N PRO C 179 -22.22 4.76 17.34
CA PRO C 179 -23.28 4.15 16.52
C PRO C 179 -22.74 3.44 15.30
N ASP C 180 -21.60 3.87 14.77
CA ASP C 180 -20.96 3.25 13.62
C ASP C 180 -19.53 3.76 13.53
N VAL C 181 -18.71 3.06 12.75
CA VAL C 181 -17.32 3.46 12.56
C VAL C 181 -17.21 4.71 11.70
N ASP C 182 -18.24 5.05 10.94
CA ASP C 182 -18.21 6.24 10.11
C ASP C 182 -18.18 7.52 10.95
N MET C 183 -18.61 7.45 12.20
CA MET C 183 -18.51 8.57 13.13
C MET C 183 -17.28 8.49 14.02
N ARG C 184 -16.77 7.28 14.25
CA ARG C 184 -15.65 7.10 15.16
C ARG C 184 -14.34 7.62 14.55
N THR C 185 -14.08 7.27 13.29
CA THR C 185 -12.79 7.62 12.67
C THR C 185 -12.59 9.12 12.52
N PRO C 186 -13.53 9.90 11.95
CA PRO C 186 -13.24 11.34 11.81
C PRO C 186 -13.14 12.07 13.14
N ILE C 187 -13.93 11.67 14.14
CA ILE C 187 -13.86 12.31 15.44
C ILE C 187 -12.56 11.93 16.15
N GLN C 188 -12.08 10.70 15.95
CA GLN C 188 -10.84 10.26 16.61
C GLN C 188 -9.64 11.05 16.11
N GLN C 189 -9.54 11.23 14.78
CA GLN C 189 -8.44 12.01 14.22
C GLN C 189 -8.53 13.48 14.62
N TYR C 190 -9.74 13.99 14.82
CA TYR C 190 -9.89 15.38 15.24
C TYR C 190 -9.41 15.59 16.67
N MET C 191 -9.66 14.62 17.55
CA MET C 191 -9.17 14.73 18.92
C MET C 191 -7.65 14.57 18.98
N ASP C 192 -7.07 13.76 18.09
CA ASP C 192 -5.62 13.59 18.08
C ASP C 192 -4.91 14.86 17.63
N SER C 193 -5.51 15.59 16.69
CA SER C 193 -4.93 16.86 16.28
C SER C 193 -5.09 17.92 17.35
N LEU C 194 -6.20 17.89 18.09
CA LEU C 194 -6.38 18.80 19.22
C LEU C 194 -5.45 18.44 20.38
N GLY C 195 -5.06 17.18 20.47
CA GLY C 195 -4.08 16.80 21.49
C GLY C 195 -2.73 17.42 21.26
N LYS C 196 -2.34 17.60 20.00
CA LYS C 196 -1.07 18.27 19.70
C LYS C 196 -1.14 19.75 20.09
N SER C 197 -2.27 20.41 19.81
CA SER C 197 -2.42 21.80 20.20
C SER C 197 -2.48 21.95 21.71
N GLY C 198 -3.10 20.99 22.40
CA GLY C 198 -3.16 21.06 23.86
C GLY C 198 -1.79 20.94 24.49
N GLU C 199 -0.91 20.13 23.90
CA GLU C 199 0.43 19.98 24.45
C GLU C 199 1.29 21.20 24.15
N THR C 200 1.14 21.78 22.95
CA THR C 200 1.89 22.98 22.62
C THR C 200 1.42 24.18 23.45
N LEU C 201 0.11 24.25 23.72
CA LEU C 201 -0.41 25.33 24.55
C LEU C 201 0.13 25.24 25.97
N LEU C 202 0.25 24.03 26.51
CA LEU C 202 0.80 23.87 27.85
C LEU C 202 2.28 24.25 27.88
N GLN C 203 3.02 23.93 26.82
CA GLN C 203 4.41 24.35 26.75
C GLN C 203 4.55 25.85 26.64
N MET C 204 3.58 26.53 26.02
CA MET C 204 3.61 27.99 25.99
C MET C 204 3.38 28.56 27.37
N ILE C 205 2.53 27.93 28.17
CA ILE C 205 2.28 28.41 29.53
C ILE C 205 3.50 28.18 30.41
N GLU C 206 4.21 27.06 30.20
CA GLU C 206 5.40 26.79 30.99
C GLU C 206 6.52 27.79 30.68
N TYR C 207 6.62 28.22 29.42
CA TYR C 207 7.64 29.19 29.05
C TYR C 207 7.26 30.60 29.46
N GLY C 208 5.97 30.93 29.37
CA GLY C 208 5.54 32.28 29.74
C GLY C 208 5.63 32.54 31.23
N LEU C 209 5.21 31.58 32.05
CA LEU C 209 5.30 31.72 33.50
C LEU C 209 6.68 31.38 34.05
N SER C 210 7.62 30.98 33.18
CA SER C 210 8.99 30.63 33.58
C SER C 210 8.98 29.51 34.62
N LEU C 211 8.08 28.55 34.46
CA LEU C 211 8.03 27.41 35.36
C LEU C 211 9.07 26.37 34.97
N HIS C 212 9.29 25.40 35.86
CA HIS C 212 10.18 24.31 35.56
C HIS C 212 9.62 23.48 34.40
N PRO C 213 10.47 22.97 33.51
CA PRO C 213 9.96 22.17 32.40
C PRO C 213 9.21 20.94 32.88
N ASP C 214 8.23 20.53 32.07
CA ASP C 214 7.37 19.38 32.38
C ASP C 214 6.57 19.58 33.66
N THR C 215 6.23 20.83 33.98
CA THR C 215 5.36 21.09 35.12
C THR C 215 3.90 20.77 34.80
N LEU C 216 3.45 21.15 33.60
CA LEU C 216 2.09 20.87 33.15
C LEU C 216 2.00 19.68 32.21
N THR C 217 3.02 19.47 31.36
CA THR C 217 2.97 18.39 30.38
C THR C 217 3.13 17.01 31.03
N SER C 218 3.72 16.94 32.23
CA SER C 218 3.85 15.65 32.90
C SER C 218 2.52 15.18 33.49
N LEU C 219 1.58 16.09 33.70
CA LEU C 219 0.28 15.72 34.23
C LEU C 219 -0.63 15.15 33.15
N THR C 220 -0.46 15.59 31.90
CA THR C 220 -1.32 15.19 30.80
C THR C 220 -0.80 13.95 30.06
N LYS C 221 0.21 13.28 30.60
CA LYS C 221 0.65 12.00 30.03
C LYS C 221 -0.47 10.98 30.20
N ASP C 222 -0.99 10.48 29.08
CA ASP C 222 -2.20 9.66 29.07
C ASP C 222 -3.34 10.41 29.76
N GLY C 223 -3.49 11.67 29.38
CA GLY C 223 -4.51 12.51 30.00
C GLY C 223 -5.91 12.07 29.68
N TRP C 224 -6.83 12.44 30.56
CA TRP C 224 -8.25 12.07 30.42
C TRP C 224 -8.96 13.08 29.51
N HIS C 225 -8.44 13.20 28.29
CA HIS C 225 -9.01 14.11 27.31
C HIS C 225 -10.39 13.61 26.88
N HIS C 226 -11.36 14.52 26.84
CA HIS C 226 -12.71 14.20 26.39
C HIS C 226 -13.25 15.35 25.54
N LEU C 227 -14.15 15.00 24.63
CA LEU C 227 -14.74 15.94 23.69
C LEU C 227 -16.25 15.95 23.84
N ARG C 228 -16.85 17.13 23.72
CA ARG C 228 -18.29 17.32 23.83
C ARG C 228 -18.81 17.89 22.51
N ILE C 229 -19.50 17.06 21.74
CA ILE C 229 -20.08 17.47 20.47
C ILE C 229 -21.47 18.03 20.75
N LEU C 230 -21.67 19.31 20.41
CA LEU C 230 -22.88 20.03 20.80
C LEU C 230 -23.76 20.32 19.59
N ARG C 231 -25.06 20.47 19.86
CA ARG C 231 -26.02 20.93 18.87
C ARG C 231 -27.08 21.75 19.60
N PHE C 232 -27.22 23.01 19.21
CA PHE C 232 -28.21 23.87 19.83
C PHE C 232 -29.29 24.23 18.81
N PRO C 233 -30.57 24.04 19.15
CA PRO C 233 -31.63 24.30 18.17
C PRO C 233 -31.98 25.77 18.03
N GLN C 234 -33.00 26.07 17.25
CA GLN C 234 -33.45 27.44 17.08
C GLN C 234 -34.19 27.92 18.33
N ASN C 235 -34.46 29.22 18.38
CA ASN C 235 -35.14 29.82 19.51
C ASN C 235 -36.65 29.63 19.41
N THR C 252 -18.68 27.53 34.65
CA THR C 252 -17.24 27.29 34.59
C THR C 252 -16.92 26.03 33.79
N ASP C 253 -15.67 25.59 33.87
CA ASP C 253 -15.21 24.39 33.19
C ASP C 253 -14.14 23.73 34.05
N TYR C 254 -14.41 22.50 34.47
CA TYR C 254 -13.50 21.78 35.36
C TYR C 254 -12.43 21.10 34.51
N GLY C 255 -11.32 21.81 34.31
CA GLY C 255 -10.23 21.28 33.52
C GLY C 255 -9.14 22.32 33.35
N LEU C 256 -8.08 21.90 32.66
CA LEU C 256 -6.95 22.81 32.41
C LEU C 256 -7.29 23.80 31.30
N LEU C 257 -7.37 23.31 30.05
CA LEU C 257 -7.64 24.15 28.90
C LEU C 257 -8.84 23.60 28.15
N VAL C 258 -9.68 24.50 27.63
CA VAL C 258 -10.86 24.14 26.87
C VAL C 258 -10.70 24.73 25.48
N ILE C 259 -10.54 23.86 24.48
CA ILE C 259 -10.42 24.27 23.08
C ILE C 259 -11.79 24.12 22.44
N ALA C 260 -12.36 25.24 22.00
CA ALA C 260 -13.71 25.27 21.46
C ALA C 260 -13.68 25.76 20.02
N ALA C 261 -14.41 25.08 19.16
CA ALA C 261 -14.58 25.46 17.76
C ALA C 261 -16.06 25.53 17.45
N GLN C 262 -16.45 26.52 16.64
CA GLN C 262 -17.85 26.77 16.33
C GLN C 262 -18.00 27.01 14.83
N ASP C 263 -19.26 27.09 14.40
CA ASP C 263 -19.59 27.33 13.01
C ASP C 263 -19.84 28.82 12.78
N GLU C 264 -20.59 29.16 11.73
CA GLU C 264 -20.85 30.54 11.37
C GLU C 264 -22.10 31.11 12.05
N VAL C 265 -22.88 30.29 12.74
CA VAL C 265 -24.09 30.78 13.39
C VAL C 265 -23.76 31.64 14.60
N GLY C 266 -22.94 31.11 15.50
CA GLY C 266 -22.51 31.85 16.66
C GLY C 266 -23.54 31.85 17.78
N GLY C 267 -23.06 32.18 18.98
CA GLY C 267 -23.92 32.23 20.15
C GLY C 267 -23.17 31.95 21.44
N LEU C 268 -21.85 32.06 21.40
CA LEU C 268 -21.01 31.79 22.56
C LEU C 268 -20.74 33.09 23.32
N PHE C 269 -20.90 33.03 24.64
CA PHE C 269 -20.66 34.17 25.51
C PHE C 269 -19.66 33.78 26.60
N ILE C 270 -18.80 34.72 26.97
CA ILE C 270 -17.79 34.50 28.00
C ILE C 270 -17.83 35.67 28.99
N ARG C 271 -17.15 35.49 30.11
CA ARG C 271 -17.07 36.50 31.16
C ARG C 271 -15.61 36.91 31.34
N PRO C 272 -15.25 38.15 31.06
CA PRO C 272 -13.85 38.58 31.18
C PRO C 272 -13.42 38.65 32.63
N PRO C 273 -12.11 38.65 32.90
CA PRO C 273 -11.64 38.81 34.27
C PRO C 273 -11.96 40.20 34.81
N ALA C 274 -11.99 40.29 36.13
CA ALA C 274 -12.28 41.56 36.81
C ALA C 274 -11.42 41.72 38.05
N TRP C 296 -21.33 40.36 30.09
CA TRP C 296 -21.04 39.28 29.15
C TRP C 296 -20.48 39.83 27.85
N VAL C 297 -19.66 39.03 27.17
CA VAL C 297 -19.02 39.42 25.92
C VAL C 297 -19.32 38.34 24.88
N TYR C 298 -19.81 38.76 23.71
CA TYR C 298 -20.12 37.83 22.64
C TYR C 298 -18.85 37.50 21.85
N VAL C 299 -18.64 36.22 21.58
CA VAL C 299 -17.49 35.75 20.81
C VAL C 299 -17.94 35.57 19.36
N PRO C 300 -17.51 36.43 18.44
CA PRO C 300 -17.96 36.32 17.05
C PRO C 300 -17.28 35.16 16.34
N PRO C 301 -17.99 34.48 15.44
CA PRO C 301 -17.38 33.38 14.67
C PRO C 301 -16.38 33.91 13.66
N VAL C 302 -15.14 33.44 13.76
CA VAL C 302 -14.08 33.80 12.83
C VAL C 302 -13.63 32.52 12.12
N PRO C 303 -13.65 32.49 10.79
CA PRO C 303 -13.31 31.25 10.08
C PRO C 303 -11.83 30.90 10.21
N GLY C 304 -11.57 29.62 10.43
CA GLY C 304 -10.21 29.11 10.44
C GLY C 304 -9.48 29.21 11.77
N VAL C 305 -10.18 29.47 12.86
CA VAL C 305 -9.56 29.57 14.18
C VAL C 305 -10.45 28.89 15.21
N PHE C 306 -9.83 28.43 16.30
CA PHE C 306 -10.55 27.94 17.47
C PHE C 306 -10.14 28.75 18.69
N THR C 307 -11.03 28.79 19.67
CA THR C 307 -10.84 29.59 20.87
C THR C 307 -10.37 28.72 22.03
N VAL C 308 -9.44 29.24 22.81
CA VAL C 308 -8.86 28.55 23.95
C VAL C 308 -9.00 29.42 25.19
N PHE C 309 -9.57 28.87 26.25
CA PHE C 309 -9.71 29.56 27.53
C PHE C 309 -9.47 28.56 28.66
N PRO C 310 -8.82 29.00 29.74
CA PRO C 310 -8.52 28.07 30.83
C PRO C 310 -9.78 27.66 31.60
N GLY C 311 -9.58 26.71 32.50
CA GLY C 311 -10.68 26.20 33.31
C GLY C 311 -10.41 26.29 34.81
N ASP C 312 -11.04 25.40 35.57
CA ASP C 312 -10.92 25.45 37.03
C ASP C 312 -9.56 24.91 37.49
N ILE C 313 -9.07 23.83 36.87
CA ILE C 313 -7.80 23.26 37.28
C ILE C 313 -6.65 24.22 36.98
N MET C 314 -6.77 25.02 35.92
CA MET C 314 -5.73 25.98 35.60
C MET C 314 -5.68 27.12 36.61
N GLN C 315 -6.85 27.59 37.07
CA GLN C 315 -6.89 28.64 38.07
C GLN C 315 -6.32 28.16 39.40
N PHE C 316 -6.52 26.87 39.72
CA PHE C 316 -6.04 26.33 41.00
C PHE C 316 -4.52 26.32 41.06
N MET C 317 -3.86 25.97 39.96
CA MET C 317 -2.40 25.86 39.95
C MET C 317 -1.71 27.22 39.86
N THR C 318 -2.36 28.21 39.25
CA THR C 318 -1.72 29.50 38.96
C THR C 318 -2.11 30.61 39.93
N ASN C 319 -2.92 30.30 40.95
CA ASN C 319 -3.37 31.31 41.93
C ASN C 319 -4.15 32.43 41.24
N SER C 320 -5.18 32.03 40.49
CA SER C 320 -6.08 32.95 39.79
C SER C 320 -5.35 33.86 38.81
N TYR C 321 -4.10 33.53 38.46
CA TYR C 321 -3.37 34.29 37.46
C TYR C 321 -4.03 34.12 36.09
N LEU C 322 -4.29 32.87 35.70
CA LEU C 322 -5.09 32.56 34.53
C LEU C 322 -6.47 32.13 35.00
N PRO C 323 -7.45 33.02 35.04
CA PRO C 323 -8.72 32.68 35.69
C PRO C 323 -9.57 31.73 34.88
N SER C 324 -10.48 31.06 35.58
CA SER C 324 -11.46 30.18 34.94
C SER C 324 -12.54 31.02 34.28
N THR C 325 -12.78 30.78 32.98
CA THR C 325 -13.70 31.58 32.21
C THR C 325 -15.04 30.89 32.09
N PRO C 326 -16.10 31.40 32.69
CA PRO C 326 -17.43 30.81 32.47
C PRO C 326 -17.92 31.08 31.07
N HIS C 327 -18.77 30.18 30.57
CA HIS C 327 -19.29 30.30 29.21
C HIS C 327 -20.75 29.89 29.17
N LYS C 328 -21.55 30.66 28.44
CA LYS C 328 -22.96 30.37 28.22
C LYS C 328 -23.28 30.49 26.73
N VAL C 329 -24.29 29.75 26.31
CA VAL C 329 -24.70 29.69 24.91
C VAL C 329 -26.12 30.21 24.77
N GLY C 330 -26.34 31.05 23.77
CA GLY C 330 -27.65 31.62 23.49
C GLY C 330 -28.21 31.06 22.19
N LEU C 331 -29.51 30.81 22.19
CA LEU C 331 -30.16 30.26 21.00
C LEU C 331 -30.32 31.34 19.93
N ASN C 332 -29.90 31.02 18.71
CA ASN C 332 -29.95 31.94 17.59
C ASN C 332 -31.15 31.61 16.70
N THR C 333 -31.23 32.27 15.54
CA THR C 333 -32.32 32.05 14.60
C THR C 333 -32.19 30.75 13.83
N ARG C 334 -30.99 30.19 13.75
CA ARG C 334 -30.75 28.93 13.06
C ARG C 334 -30.06 27.95 14.00
N GLU C 335 -30.01 26.69 13.58
CA GLU C 335 -29.38 25.65 14.37
C GLU C 335 -27.87 25.87 14.47
N ARG C 336 -27.31 25.50 15.62
CA ARG C 336 -25.90 25.72 15.92
C ARG C 336 -25.23 24.39 16.26
N PHE C 337 -24.08 24.15 15.66
CA PHE C 337 -23.23 22.99 15.93
C PHE C 337 -21.88 23.47 16.43
N ALA C 338 -21.40 22.87 17.53
CA ALA C 338 -20.14 23.31 18.11
C ALA C 338 -19.45 22.11 18.76
N PHE C 339 -18.16 22.29 19.05
CA PHE C 339 -17.34 21.28 19.71
C PHE C 339 -16.73 21.87 20.96
N ALA C 340 -16.42 21.00 21.93
CA ALA C 340 -15.81 21.40 23.19
C ALA C 340 -14.77 20.35 23.58
N TYR C 341 -13.51 20.64 23.32
CA TYR C 341 -12.42 19.73 23.65
C TYR C 341 -11.79 20.14 24.97
N PHE C 342 -11.45 19.15 25.79
CA PHE C 342 -10.89 19.39 27.12
C PHE C 342 -9.55 18.66 27.23
N HIS C 343 -8.46 19.43 27.21
CA HIS C 343 -7.14 18.88 27.47
C HIS C 343 -6.96 18.75 28.98
N GLU C 344 -6.88 17.52 29.46
CA GLU C 344 -6.97 17.23 30.89
C GLU C 344 -5.77 16.44 31.35
N PRO C 345 -5.45 16.50 32.64
CA PRO C 345 -4.39 15.65 33.19
C PRO C 345 -4.83 14.19 33.20
N SER C 346 -3.91 13.32 33.58
CA SER C 346 -4.23 11.91 33.71
C SER C 346 -5.24 11.69 34.82
N PHE C 347 -6.06 10.65 34.66
CA PHE C 347 -7.05 10.33 35.69
C PHE C 347 -6.38 9.95 37.01
N GLN C 348 -5.14 9.45 36.95
CA GLN C 348 -4.39 9.06 38.13
C GLN C 348 -3.47 10.15 38.64
N ALA C 349 -3.27 11.22 37.88
CA ALA C 349 -2.35 12.28 38.28
C ALA C 349 -2.97 13.15 39.36
N VAL C 350 -2.13 13.61 40.29
CA VAL C 350 -2.54 14.49 41.38
C VAL C 350 -1.85 15.83 41.15
N VAL C 351 -2.62 16.84 40.78
CA VAL C 351 -2.05 18.15 40.50
C VAL C 351 -1.81 18.89 41.81
N SER C 352 -0.80 19.75 41.81
CA SER C 352 -0.45 20.55 42.97
C SER C 352 -0.12 21.96 42.51
N PRO C 353 -0.43 22.98 43.33
CA PRO C 353 -0.14 24.35 42.91
C PRO C 353 1.35 24.58 42.77
N VAL C 354 1.71 25.51 41.88
CA VAL C 354 3.10 25.87 41.69
C VAL C 354 3.53 26.80 42.83
N ALA C 355 4.60 26.41 43.53
CA ALA C 355 5.08 27.22 44.63
C ALA C 355 5.63 28.55 44.17
N LYS C 356 6.07 28.64 42.92
CA LYS C 356 6.59 29.90 42.40
C LYS C 356 5.48 30.92 42.18
N LEU C 357 4.35 30.48 41.60
CA LEU C 357 3.23 31.38 41.33
C LEU C 357 2.42 31.70 42.57
N TYR C 358 2.77 31.12 43.71
CA TYR C 358 2.15 31.44 44.99
C TYR C 358 3.16 32.10 45.90
N ASP C 359 2.80 33.27 46.44
CA ASP C 359 3.67 33.91 47.42
C ASP C 359 3.83 32.98 48.62
N GLY C 360 5.08 32.71 49.00
CA GLY C 360 5.32 31.83 50.13
C GLY C 360 4.97 30.39 49.82
N GLN C 361 4.12 29.80 50.66
CA GLN C 361 3.72 28.40 50.62
C GLN C 361 2.47 28.21 49.76
N PRO C 362 2.43 27.15 48.97
CA PRO C 362 1.26 26.88 48.14
C PRO C 362 0.17 26.18 48.94
N PRO C 363 -1.09 26.21 48.48
CA PRO C 363 -2.23 25.53 49.11
C PRO C 363 -2.12 24.00 49.07
N LYS C 366 -3.86 20.07 47.60
CA LYS C 366 -3.67 19.33 46.36
C LYS C 366 -4.99 18.76 45.85
N ILE C 367 -5.20 18.85 44.54
CA ILE C 367 -6.43 18.38 43.89
C ILE C 367 -6.11 17.12 43.11
N HIS C 368 -6.79 16.02 43.46
CA HIS C 368 -6.72 14.79 42.69
C HIS C 368 -7.74 14.86 41.56
N TYR C 369 -7.25 14.88 40.33
CA TYR C 369 -8.14 15.08 39.18
C TYR C 369 -9.11 13.93 38.98
N GLY C 370 -8.70 12.70 39.31
CA GLY C 370 -9.59 11.56 39.13
C GLY C 370 -10.89 11.69 39.90
N THR C 371 -10.79 12.16 41.15
CA THR C 371 -12.00 12.41 41.93
C THR C 371 -12.75 13.62 41.42
N HIS C 372 -12.04 14.62 40.90
CA HIS C 372 -12.67 15.84 40.40
C HIS C 372 -13.52 15.56 39.17
N PHE C 373 -13.06 14.66 38.29
CA PHE C 373 -13.82 14.35 37.09
C PHE C 373 -15.11 13.60 37.42
N THR C 374 -15.00 12.58 38.28
CA THR C 374 -16.17 11.76 38.59
C THR C 374 -17.23 12.55 39.35
N ASN C 375 -16.82 13.46 40.23
CA ASN C 375 -17.78 14.23 40.99
C ASN C 375 -18.57 15.19 40.11
N MET C 376 -17.96 15.69 39.03
CA MET C 376 -18.66 16.62 38.15
C MET C 376 -19.67 15.92 37.25
N PHE C 377 -19.33 14.74 36.74
CA PHE C 377 -20.24 14.02 35.86
C PHE C 377 -21.36 13.33 36.64
N MET C 378 -21.09 12.93 37.89
CA MET C 378 -22.16 12.36 38.71
C MET C 378 -23.18 13.42 39.11
N ARG C 379 -22.76 14.68 39.20
CA ARG C 379 -23.66 15.78 39.55
C ARG C 379 -24.37 16.37 38.34
N ASN C 380 -23.68 16.45 37.19
CA ASN C 380 -24.28 17.04 36.00
C ASN C 380 -25.30 16.10 35.36
N TYR C 381 -25.04 14.79 35.39
CA TYR C 381 -25.90 13.78 34.79
C TYR C 381 -26.33 12.82 35.88
N PRO C 382 -27.34 13.20 36.69
CA PRO C 382 -27.73 12.35 37.82
C PRO C 382 -28.58 11.16 37.40
N ASP C 383 -29.49 11.36 36.45
CA ASP C 383 -30.42 10.31 36.04
C ASP C 383 -29.83 9.35 35.02
N ARG C 384 -28.52 9.42 34.76
CA ARG C 384 -27.90 8.54 33.80
C ARG C 384 -27.58 7.19 34.43
N ILE C 385 -27.64 6.13 33.61
CA ILE C 385 -27.37 4.78 34.07
C ILE C 385 -25.91 4.60 34.49
N THR C 386 -25.00 5.43 33.98
CA THR C 386 -23.60 5.31 34.35
C THR C 386 -23.38 5.68 35.81
N THR C 387 -24.11 6.69 36.30
CA THR C 387 -23.96 7.10 37.69
C THR C 387 -24.48 6.03 38.65
N GLU C 388 -25.58 5.36 38.28
CA GLU C 388 -26.15 4.33 39.14
C GLU C 388 -25.21 3.14 39.30
N ARG C 389 -24.42 2.82 38.28
CA ARG C 389 -23.52 1.68 38.39
C ARG C 389 -22.35 1.99 39.33
N ILE C 390 -21.84 3.23 39.28
CA ILE C 390 -20.78 3.63 40.20
C ILE C 390 -21.30 3.59 41.63
N ILE C 391 -22.59 3.89 41.83
CA ILE C 391 -23.18 3.88 43.16
C ILE C 391 -23.55 2.46 43.58
N LYS C 392 -24.13 1.68 42.67
CA LYS C 392 -24.54 0.32 43.01
C LYS C 392 -23.33 -0.57 43.23
N GLU C 393 -22.37 -0.56 42.31
CA GLU C 393 -21.17 -1.38 42.43
C GLU C 393 -20.16 -0.81 43.41
N ASP C 394 -20.43 0.35 44.00
CA ASP C 394 -19.56 0.98 45.00
C ASP C 394 -18.15 1.18 44.44
N ARG C 395 -18.08 1.79 43.25
CA ARG C 395 -16.81 2.06 42.61
C ARG C 395 -16.06 3.24 43.22
N LEU C 396 -16.74 4.05 44.04
CA LEU C 396 -16.08 5.20 44.66
C LEU C 396 -15.00 4.79 45.64
N GLN C 397 -15.05 3.57 46.18
CA GLN C 397 -14.01 3.11 47.09
C GLN C 397 -12.67 2.91 46.39
N LEU C 398 -12.67 2.78 45.05
CA LEU C 398 -11.42 2.62 44.32
C LEU C 398 -10.64 3.92 44.21
N LEU C 399 -11.31 5.07 44.34
CA LEU C 399 -10.63 6.35 44.23
C LEU C 399 -9.64 6.58 45.36
N ASP C 400 -9.77 5.84 46.45
CA ASP C 400 -8.87 5.97 47.60
C ASP C 400 -7.66 5.05 47.50
N ARG C 401 -7.66 4.09 46.59
CA ARG C 401 -6.54 3.17 46.47
C ARG C 401 -5.34 3.87 45.84
N PRO C 402 -4.12 3.47 46.22
CA PRO C 402 -2.93 4.15 45.68
C PRO C 402 -2.71 3.90 44.20
N GLU C 403 -3.25 2.83 43.64
CA GLU C 403 -3.09 2.55 42.22
C GLU C 403 -3.79 3.59 41.35
N LEU C 404 -4.76 4.30 41.88
CA LEU C 404 -5.46 5.36 41.16
C LEU C 404 -4.86 6.74 41.40
N ARG C 405 -3.75 6.82 42.13
CA ARG C 405 -3.14 8.10 42.46
C ARG C 405 -1.66 8.12 42.10
N MET D 50 28.20 -24.35 -1.66
CA MET D 50 28.36 -25.33 -0.58
C MET D 50 29.73 -25.21 0.07
N PRO D 51 29.78 -25.26 1.39
CA PRO D 51 31.07 -25.21 2.08
C PRO D 51 31.92 -26.41 1.72
N PRO D 52 33.23 -26.26 1.74
CA PRO D 52 34.11 -27.38 1.36
C PRO D 52 34.12 -28.47 2.42
N ASN D 53 34.60 -29.64 2.02
CA ASN D 53 34.77 -30.81 2.89
C ASN D 53 33.44 -31.32 3.42
N TYR D 54 32.32 -30.91 2.84
CA TYR D 54 31.00 -31.38 3.23
C TYR D 54 30.39 -32.18 2.07
N VAL D 55 29.68 -33.25 2.42
CA VAL D 55 29.03 -34.11 1.44
C VAL D 55 27.55 -34.13 1.76
N ALA D 56 26.75 -33.60 0.84
CA ALA D 56 25.30 -33.56 1.00
C ALA D 56 24.66 -33.36 -0.37
N ARG D 57 23.37 -33.65 -0.44
CA ARG D 57 22.63 -33.49 -1.68
C ARG D 57 22.01 -32.10 -1.73
N VAL D 58 22.03 -31.50 -2.92
CA VAL D 58 21.44 -30.19 -3.10
C VAL D 58 19.92 -30.29 -3.06
N GLY D 59 19.28 -29.36 -2.34
CA GLY D 59 17.85 -29.40 -2.16
C GLY D 59 17.14 -28.61 -3.25
N GLN D 60 16.13 -29.24 -3.85
CA GLN D 60 15.29 -28.62 -4.87
C GLN D 60 13.95 -28.32 -4.21
N LEU D 61 13.89 -27.20 -3.49
CA LEU D 61 12.71 -26.85 -2.73
C LEU D 61 11.70 -26.13 -3.61
N LYS D 62 10.42 -26.27 -3.25
CA LYS D 62 9.35 -25.60 -3.98
C LYS D 62 9.19 -24.18 -3.48
N THR D 63 8.93 -23.26 -4.41
CA THR D 63 8.79 -21.84 -4.11
C THR D 63 7.34 -21.42 -4.32
N PHE D 64 6.78 -20.71 -3.35
CA PHE D 64 5.39 -20.28 -3.39
C PHE D 64 5.32 -18.76 -3.21
N THR D 65 4.12 -18.22 -3.41
CA THR D 65 3.85 -16.80 -3.25
C THR D 65 2.68 -16.63 -2.29
N LEU D 66 2.95 -16.03 -1.14
CA LEU D 66 1.89 -15.82 -0.15
C LEU D 66 0.95 -14.71 -0.62
N PRO D 67 -0.36 -14.87 -0.44
CA PRO D 67 -1.28 -13.79 -0.77
C PRO D 67 -1.16 -12.63 0.20
N GLU D 68 -1.58 -11.45 -0.27
CA GLU D 68 -1.51 -10.27 0.56
C GLU D 68 -2.49 -10.35 1.74
N THR D 69 -3.59 -11.06 1.58
CA THR D 69 -4.58 -11.20 2.64
C THR D 69 -5.25 -12.55 2.50
N ALA D 70 -5.11 -13.40 3.52
CA ALA D 70 -5.76 -14.70 3.54
C ALA D 70 -7.26 -14.52 3.78
N THR D 71 -8.08 -14.98 2.84
CA THR D 71 -9.52 -14.78 2.92
C THR D 71 -10.31 -16.08 3.04
N GLY D 72 -9.65 -17.23 3.04
CA GLY D 72 -10.36 -18.49 3.12
C GLY D 72 -10.96 -18.98 1.81
N SER D 73 -10.53 -18.42 0.69
CA SER D 73 -11.04 -18.84 -0.60
C SER D 73 -10.57 -20.26 -0.92
N PRO D 74 -11.25 -20.95 -1.84
CA PRO D 74 -10.77 -22.28 -2.27
C PRO D 74 -9.34 -22.27 -2.80
N SER D 75 -8.88 -21.13 -3.32
CA SER D 75 -7.49 -21.03 -3.75
C SER D 75 -6.53 -21.07 -2.56
N ASP D 76 -6.95 -20.55 -1.41
CA ASP D 76 -6.11 -20.59 -0.22
C ASP D 76 -6.06 -21.97 0.41
N VAL D 77 -7.17 -22.72 0.34
CA VAL D 77 -7.18 -24.07 0.89
C VAL D 77 -6.29 -25.00 0.07
N GLU D 78 -6.33 -24.85 -1.25
CA GLU D 78 -5.46 -25.65 -2.11
C GLU D 78 -3.99 -25.25 -1.94
N LEU D 79 -3.74 -23.96 -1.70
CA LEU D 79 -2.37 -23.51 -1.47
C LEU D 79 -1.86 -24.02 -0.12
N GLY D 80 -2.73 -24.04 0.89
CA GLY D 80 -2.30 -24.53 2.20
C GLY D 80 -1.99 -26.01 2.18
N LYS D 81 -2.80 -26.80 1.49
CA LYS D 81 -2.53 -28.23 1.40
C LYS D 81 -1.26 -28.52 0.61
N ALA D 82 -0.96 -27.70 -0.40
CA ALA D 82 0.28 -27.90 -1.16
C ALA D 82 1.51 -27.56 -0.34
N MET D 83 1.42 -26.56 0.54
CA MET D 83 2.56 -26.23 1.39
C MET D 83 2.81 -27.32 2.43
N ILE D 84 1.74 -27.94 2.94
CA ILE D 84 1.89 -28.99 3.93
C ILE D 84 2.60 -30.20 3.32
N ASN D 85 2.22 -30.57 2.10
CA ASN D 85 2.89 -31.69 1.42
C ASN D 85 4.37 -31.40 1.18
N ALA D 86 4.73 -30.13 0.99
CA ALA D 86 6.14 -29.78 0.85
C ALA D 86 6.89 -29.96 2.15
N TRP D 87 6.25 -29.66 3.28
CA TRP D 87 6.89 -29.85 4.58
C TRP D 87 7.02 -31.33 4.93
N ARG D 88 6.08 -32.16 4.48
CA ARG D 88 6.13 -33.58 4.79
C ARG D 88 7.12 -34.34 3.91
N GLU D 89 7.47 -33.80 2.75
CA GLU D 89 8.38 -34.46 1.82
C GLU D 89 9.82 -33.97 1.96
N ASP D 90 10.03 -32.66 1.94
CA ASP D 90 11.37 -32.10 2.01
C ASP D 90 11.70 -31.52 3.38
N GLY D 91 10.71 -31.21 4.20
CA GLY D 91 10.95 -30.64 5.51
C GLY D 91 11.15 -29.14 5.53
N ILE D 92 11.16 -28.48 4.37
CA ILE D 92 11.42 -27.06 4.29
C ILE D 92 10.96 -26.57 2.92
N LEU D 93 10.41 -25.37 2.89
CA LEU D 93 9.93 -24.76 1.65
C LEU D 93 10.44 -23.33 1.57
N GLN D 94 10.35 -22.76 0.37
CA GLN D 94 10.77 -21.40 0.09
C GLN D 94 9.56 -20.54 -0.27
N VAL D 95 9.62 -19.27 0.08
CA VAL D 95 8.56 -18.31 -0.19
C VAL D 95 9.15 -17.09 -0.87
N SER D 96 8.53 -16.66 -1.96
CA SER D 96 9.01 -15.51 -2.70
C SER D 96 8.76 -14.22 -1.91
N MET D 97 9.79 -13.38 -1.82
CA MET D 97 9.66 -12.10 -1.15
C MET D 97 8.92 -11.12 -2.06
N SER D 98 8.04 -10.32 -1.45
CA SER D 98 7.44 -9.22 -2.18
C SER D 98 8.50 -8.13 -2.41
N PRO D 99 8.38 -7.37 -3.50
CA PRO D 99 9.40 -6.33 -3.77
C PRO D 99 9.54 -5.31 -2.66
N ARG D 100 8.49 -5.07 -1.87
CA ARG D 100 8.62 -4.21 -0.70
C ARG D 100 9.35 -4.90 0.44
N GLN D 101 9.12 -6.19 0.63
CA GLN D 101 9.80 -6.94 1.68
C GLN D 101 11.30 -7.09 1.40
N GLN D 102 11.69 -7.15 0.13
CA GLN D 102 13.10 -7.26 -0.22
C GLN D 102 13.90 -6.05 0.23
N ALA D 103 13.29 -4.87 0.26
CA ALA D 103 13.99 -3.67 0.70
C ALA D 103 14.30 -3.73 2.19
N LEU D 104 13.37 -4.26 3.00
CA LEU D 104 13.62 -4.35 4.44
C LEU D 104 14.71 -5.36 4.77
N PHE D 105 14.80 -6.45 3.99
CA PHE D 105 15.87 -7.42 4.23
C PHE D 105 17.23 -6.82 3.92
N GLU D 106 17.31 -5.97 2.89
CA GLU D 106 18.58 -5.35 2.54
C GLU D 106 19.00 -4.32 3.58
N ASN D 107 18.04 -3.56 4.12
CA ASN D 107 18.37 -2.58 5.15
C ASN D 107 18.80 -3.27 6.44
N ALA D 108 18.14 -4.37 6.81
CA ALA D 108 18.52 -5.10 8.02
C ALA D 108 19.90 -5.75 7.84
N SER D 109 20.20 -6.24 6.65
CA SER D 109 21.52 -6.82 6.40
C SER D 109 22.61 -5.77 6.46
N ALA D 110 22.31 -4.54 6.02
CA ALA D 110 23.29 -3.47 6.11
C ALA D 110 23.52 -3.05 7.56
N ALA D 111 22.44 -2.96 8.35
CA ALA D 111 22.59 -2.63 9.77
C ALA D 111 23.24 -3.76 10.55
N SER D 112 23.10 -5.00 10.08
CA SER D 112 23.73 -6.13 10.76
C SER D 112 25.24 -6.08 10.61
N LYS D 113 25.74 -5.85 9.40
CA LYS D 113 27.18 -5.84 9.15
C LYS D 113 27.87 -4.69 9.88
N ARG D 114 27.19 -3.56 10.06
CA ARG D 114 27.80 -2.45 10.78
C ARG D 114 28.00 -2.79 12.26
N PHE D 115 27.08 -3.56 12.84
CA PHE D 115 27.21 -3.93 14.25
C PHE D 115 28.38 -4.88 14.46
N PHE D 116 28.48 -5.91 13.61
CA PHE D 116 29.57 -6.87 13.75
C PHE D 116 30.92 -6.30 13.36
N ALA D 117 30.96 -5.11 12.75
CA ALA D 117 32.20 -4.42 12.44
C ALA D 117 32.69 -3.55 13.59
N MET D 118 31.90 -3.44 14.66
CA MET D 118 32.31 -2.64 15.81
C MET D 118 33.41 -3.36 16.59
N PRO D 119 34.16 -2.63 17.41
CA PRO D 119 35.19 -3.25 18.24
C PRO D 119 34.59 -4.29 19.18
N PRO D 120 35.38 -5.28 19.60
CA PRO D 120 34.81 -6.33 20.47
C PRO D 120 34.30 -5.81 21.80
N ASN D 121 34.98 -4.81 22.39
CA ASN D 121 34.54 -4.28 23.68
C ASN D 121 33.24 -3.49 23.54
N GLN D 122 32.99 -2.90 22.37
CA GLN D 122 31.74 -2.19 22.16
C GLN D 122 30.56 -3.14 21.96
N LYS D 123 30.80 -4.33 21.41
CA LYS D 123 29.74 -5.31 21.23
C LYS D 123 29.47 -6.09 22.52
N ALA D 124 30.51 -6.39 23.28
CA ALA D 124 30.34 -7.16 24.52
C ALA D 124 29.53 -6.41 25.57
N ALA D 125 29.40 -5.08 25.45
CA ALA D 125 28.62 -4.29 26.39
C ALA D 125 27.14 -4.28 26.08
N CYS D 126 26.69 -5.00 25.04
CA CYS D 126 25.28 -5.04 24.68
C CYS D 126 24.62 -6.28 25.28
N VAL D 127 24.53 -6.27 26.61
CA VAL D 127 23.89 -7.34 27.36
C VAL D 127 22.96 -6.74 28.39
N ASP D 128 21.86 -7.44 28.66
CA ASP D 128 20.86 -7.00 29.61
C ASP D 128 20.65 -8.07 30.67
N THR D 129 20.41 -7.65 31.91
CA THR D 129 20.24 -8.59 33.02
C THR D 129 18.82 -9.13 33.12
N GLN D 130 17.84 -8.47 32.49
CA GLN D 130 16.45 -8.90 32.58
C GLN D 130 15.95 -9.59 31.32
N SER D 131 16.55 -9.31 30.16
CA SER D 131 16.16 -9.91 28.90
C SER D 131 17.33 -10.67 28.30
N TYR D 132 17.01 -11.76 27.60
CA TYR D 132 18.03 -12.57 26.95
C TYR D 132 18.52 -11.96 25.65
N ALA D 133 17.87 -10.89 25.16
CA ALA D 133 18.34 -10.23 23.96
C ALA D 133 19.69 -9.55 24.20
N GLY D 134 20.47 -9.41 23.13
CA GLY D 134 21.76 -8.77 23.17
C GLY D 134 22.81 -9.58 22.44
N TYR D 135 24.06 -9.21 22.65
CA TYR D 135 25.18 -9.81 21.93
C TYR D 135 25.65 -11.06 22.66
N ILE D 136 25.89 -12.13 21.89
CA ILE D 136 26.45 -13.37 22.41
C ILE D 136 27.59 -13.79 21.50
N ALA D 137 28.74 -14.08 22.08
CA ALA D 137 29.93 -14.46 21.32
C ALA D 137 30.12 -15.97 21.39
N SER D 138 31.21 -16.43 20.74
CA SER D 138 31.55 -17.85 20.78
C SER D 138 32.82 -18.07 21.60
N GLU D 141 36.34 -15.29 20.93
CA GLU D 141 37.67 -15.91 20.94
C GLU D 141 38.74 -14.94 20.47
N ILE D 142 39.75 -15.46 19.79
CA ILE D 142 40.84 -14.64 19.27
C ILE D 142 40.47 -14.11 17.90
N THR D 143 41.29 -13.19 17.38
CA THR D 143 41.06 -12.60 16.07
C THR D 143 42.31 -12.76 15.21
N ASP D 144 42.08 -12.99 13.91
CA ASP D 144 43.19 -13.13 12.96
C ASP D 144 43.44 -11.80 12.25
N GLY D 145 42.55 -11.42 11.35
CA GLY D 145 42.65 -10.15 10.67
C GLY D 145 41.59 -9.18 11.13
N ILE D 146 40.38 -9.67 11.36
CA ILE D 146 39.26 -8.85 11.84
C ILE D 146 38.55 -9.60 12.96
N ALA D 147 38.12 -10.83 12.67
CA ALA D 147 37.44 -11.66 13.65
C ALA D 147 37.52 -13.11 13.21
N ASP D 148 37.27 -14.01 14.17
CA ASP D 148 37.30 -15.44 13.88
C ASP D 148 36.49 -16.23 14.90
N TYR D 149 35.23 -15.82 15.13
CA TYR D 149 34.34 -16.54 16.02
C TYR D 149 32.91 -16.21 15.64
N SER D 150 32.00 -17.15 15.92
CA SER D 150 30.61 -17.00 15.53
C SER D 150 29.86 -16.17 16.56
N GLU D 151 29.34 -15.02 16.13
CA GLU D 151 28.65 -14.07 16.99
C GLU D 151 27.17 -14.02 16.64
N ILE D 152 26.34 -13.87 17.67
CA ILE D 152 24.88 -13.88 17.52
C ILE D 152 24.31 -12.71 18.31
N PHE D 153 23.31 -12.05 17.74
CA PHE D 153 22.59 -10.96 18.39
C PHE D 153 21.10 -11.26 18.37
N THR D 154 20.57 -11.72 19.49
CA THR D 154 19.15 -12.04 19.61
C THR D 154 18.37 -10.79 19.97
N VAL D 155 17.15 -10.69 19.43
CA VAL D 155 16.28 -9.54 19.65
C VAL D 155 14.92 -10.07 20.09
N THR D 156 14.65 -10.06 21.40
CA THR D 156 13.36 -10.46 21.91
C THR D 156 12.42 -9.24 21.93
N LYS D 157 11.30 -9.35 22.63
CA LYS D 157 10.36 -8.24 22.72
C LYS D 157 10.96 -7.11 23.55
N ASP D 158 11.06 -5.93 22.95
CA ASP D 158 11.64 -4.77 23.62
C ASP D 158 10.58 -4.09 24.46
N LEU D 159 10.73 -4.15 25.78
CA LEU D 159 9.77 -3.57 26.71
C LEU D 159 10.48 -2.62 27.65
N PRO D 160 9.95 -1.43 27.88
CA PRO D 160 10.62 -0.47 28.78
C PRO D 160 10.58 -0.94 30.23
N LEU D 161 11.29 -0.19 31.08
CA LEU D 161 11.37 -0.51 32.49
C LEU D 161 10.09 -0.21 33.25
N ASP D 162 9.15 0.51 32.65
CA ASP D 162 7.89 0.85 33.29
C ASP D 162 6.75 -0.05 32.83
N GLU D 163 7.03 -1.07 32.02
CA GLU D 163 6.00 -1.99 31.59
C GLU D 163 5.59 -2.87 32.77
N PRO D 164 4.29 -3.18 32.91
CA PRO D 164 3.86 -4.02 34.05
C PRO D 164 4.54 -5.37 34.11
N ARG D 165 4.86 -5.97 32.97
CA ARG D 165 5.53 -7.27 33.00
C ARG D 165 6.98 -7.14 33.44
N VAL D 166 7.64 -6.02 33.13
CA VAL D 166 9.01 -5.83 33.58
C VAL D 166 9.05 -5.38 35.04
N GLU D 167 8.06 -4.61 35.49
CA GLU D 167 8.01 -4.20 36.88
C GLU D 167 7.71 -5.39 37.79
N ALA D 168 6.87 -6.31 37.35
CA ALA D 168 6.57 -7.51 38.11
C ALA D 168 7.70 -8.53 38.08
N LYS D 169 8.80 -8.22 37.39
CA LYS D 169 9.98 -9.08 37.34
C LYS D 169 9.66 -10.45 36.74
N TRP D 170 8.84 -10.46 35.70
CA TRP D 170 8.61 -11.68 34.94
C TRP D 170 9.93 -12.12 34.29
N PRO D 171 10.17 -13.42 34.16
CA PRO D 171 11.40 -13.88 33.52
C PRO D 171 11.43 -13.54 32.05
N CYS D 172 12.63 -13.21 31.56
CA CYS D 172 12.93 -12.91 30.16
C CYS D 172 12.29 -11.62 29.67
N HIS D 173 11.52 -10.91 30.51
CA HIS D 173 10.92 -9.65 30.11
C HIS D 173 11.84 -8.50 30.48
N GLY D 174 12.21 -7.69 29.49
CA GLY D 174 13.08 -6.56 29.73
C GLY D 174 13.38 -5.77 28.47
N PRO D 175 14.16 -4.70 28.61
CA PRO D 175 14.52 -3.87 27.46
C PRO D 175 15.59 -4.53 26.61
N CYS D 176 15.60 -4.13 25.33
CA CYS D 176 16.58 -4.65 24.39
C CYS D 176 17.79 -3.72 24.35
N PRO D 177 19.01 -4.21 24.61
CA PRO D 177 20.20 -3.35 24.67
C PRO D 177 20.74 -2.96 23.30
N TRP D 178 20.11 -1.96 22.69
CA TRP D 178 20.58 -1.48 21.40
C TRP D 178 21.82 -0.62 21.58
N PRO D 179 22.84 -0.78 20.73
CA PRO D 179 24.00 0.10 20.82
C PRO D 179 23.71 1.52 20.35
N ASP D 180 22.74 1.68 19.46
CA ASP D 180 22.34 3.00 18.96
C ASP D 180 21.00 2.84 18.25
N VAL D 181 20.34 3.98 18.04
CA VAL D 181 19.05 3.96 17.36
C VAL D 181 19.19 3.67 15.87
N ASP D 182 20.39 3.85 15.31
CA ASP D 182 20.61 3.57 13.89
C ASP D 182 20.45 2.09 13.56
N MET D 183 20.59 1.20 14.55
CA MET D 183 20.33 -0.22 14.36
C MET D 183 18.91 -0.62 14.74
N ARG D 184 18.28 0.14 15.64
CA ARG D 184 16.96 -0.22 16.13
C ARG D 184 15.90 -0.06 15.05
N THR D 185 15.92 1.07 14.33
CA THR D 185 14.86 1.34 13.35
C THR D 185 14.84 0.32 12.21
N PRO D 186 15.94 0.02 11.51
CA PRO D 186 15.82 -0.95 10.41
C PRO D 186 15.50 -2.36 10.88
N ILE D 187 16.02 -2.77 12.03
CA ILE D 187 15.77 -4.12 12.53
C ILE D 187 14.33 -4.25 13.00
N GLN D 188 13.77 -3.19 13.60
CA GLN D 188 12.40 -3.25 14.09
C GLN D 188 11.40 -3.38 12.94
N GLN D 189 11.61 -2.60 11.87
CA GLN D 189 10.73 -2.71 10.70
C GLN D 189 10.87 -4.05 10.01
N TYR D 190 12.06 -4.66 10.06
CA TYR D 190 12.25 -5.97 9.45
C TYR D 190 11.49 -7.05 10.21
N MET D 191 11.45 -6.94 11.54
CA MET D 191 10.67 -7.90 12.33
C MET D 191 9.18 -7.70 12.13
N ASP D 192 8.74 -6.47 11.87
CA ASP D 192 7.32 -6.21 11.67
C ASP D 192 6.83 -6.81 10.36
N SER D 193 7.67 -6.81 9.32
CA SER D 193 7.29 -7.43 8.07
C SER D 193 7.26 -8.94 8.18
N LEU D 194 8.18 -9.52 8.95
CA LEU D 194 8.16 -10.96 9.17
C LEU D 194 6.99 -11.38 10.05
N GLY D 195 6.52 -10.48 10.92
CA GLY D 195 5.33 -10.78 11.71
C GLY D 195 4.08 -10.86 10.85
N LYS D 196 3.98 -10.01 9.84
CA LYS D 196 2.84 -10.08 8.92
C LYS D 196 2.90 -11.34 8.07
N SER D 197 4.09 -11.71 7.58
CA SER D 197 4.23 -12.93 6.82
C SER D 197 4.03 -14.16 7.70
N GLY D 198 4.47 -14.09 8.96
CA GLY D 198 4.29 -15.20 9.87
C GLY D 198 2.83 -15.48 10.17
N GLU D 199 2.00 -14.43 10.22
CA GLU D 199 0.58 -14.63 10.51
C GLU D 199 -0.15 -15.25 9.32
N THR D 200 0.22 -14.85 8.10
CA THR D 200 -0.41 -15.45 6.92
C THR D 200 -0.03 -16.92 6.77
N LEU D 201 1.21 -17.28 7.14
CA LEU D 201 1.62 -18.68 7.06
C LEU D 201 0.80 -19.56 7.99
N LEU D 202 0.48 -19.04 9.18
CA LEU D 202 -0.35 -19.79 10.12
C LEU D 202 -1.77 -19.95 9.58
N GLN D 203 -2.29 -18.92 8.90
CA GLN D 203 -3.62 -19.02 8.29
C GLN D 203 -3.64 -20.02 7.15
N MET D 204 -2.51 -20.18 6.46
CA MET D 204 -2.43 -21.21 5.42
C MET D 204 -2.48 -22.61 6.03
N ILE D 205 -1.88 -22.78 7.22
CA ILE D 205 -1.90 -24.08 7.87
C ILE D 205 -3.30 -24.43 8.36
N GLU D 206 -4.07 -23.43 8.81
CA GLU D 206 -5.43 -23.69 9.26
C GLU D 206 -6.33 -24.14 8.11
N TYR D 207 -6.10 -23.60 6.91
CA TYR D 207 -6.91 -23.99 5.75
C TYR D 207 -6.48 -25.35 5.20
N GLY D 208 -5.19 -25.64 5.24
CA GLY D 208 -4.71 -26.93 4.72
C GLY D 208 -5.10 -28.09 5.61
N LEU D 209 -4.95 -27.92 6.93
CA LEU D 209 -5.33 -28.96 7.87
C LEU D 209 -6.80 -28.96 8.23
N SER D 210 -7.58 -28.02 7.67
CA SER D 210 -9.02 -27.93 7.93
C SER D 210 -9.31 -27.79 9.42
N LEU D 211 -8.48 -27.03 10.12
CA LEU D 211 -8.67 -26.78 11.53
C LEU D 211 -9.72 -25.70 11.76
N HIS D 212 -10.16 -25.59 13.00
CA HIS D 212 -11.09 -24.52 13.36
C HIS D 212 -10.40 -23.17 13.20
N PRO D 213 -11.11 -22.15 12.73
CA PRO D 213 -10.47 -20.83 12.57
C PRO D 213 -9.94 -20.29 13.89
N ASP D 214 -8.86 -19.53 13.79
CA ASP D 214 -8.19 -18.92 14.94
C ASP D 214 -7.66 -19.97 15.91
N THR D 215 -7.28 -21.14 15.40
CA THR D 215 -6.66 -22.15 16.25
C THR D 215 -5.21 -21.80 16.54
N LEU D 216 -4.48 -21.33 15.53
CA LEU D 216 -3.09 -20.90 15.68
C LEU D 216 -2.94 -19.40 15.79
N THR D 217 -3.79 -18.63 15.10
CA THR D 217 -3.65 -17.17 15.12
C THR D 217 -4.06 -16.57 16.45
N SER D 218 -4.88 -17.27 17.24
CA SER D 218 -5.25 -16.77 18.56
C SER D 218 -4.13 -16.92 19.58
N LEU D 219 -3.18 -17.82 19.34
CA LEU D 219 -2.07 -18.00 20.26
C LEU D 219 -0.98 -16.96 20.05
N THR D 220 -0.83 -16.44 18.84
CA THR D 220 0.23 -15.50 18.53
C THR D 220 -0.18 -14.05 18.72
N LYS D 221 -1.34 -13.80 19.32
CA LYS D 221 -1.72 -12.43 19.69
C LYS D 221 -0.75 -11.93 20.76
N ASP D 222 -0.02 -10.87 20.44
CA ASP D 222 1.10 -10.40 21.26
C ASP D 222 2.10 -11.54 21.47
N GLY D 223 2.43 -12.21 20.39
CA GLY D 223 3.32 -13.35 20.45
C GLY D 223 4.74 -12.96 20.85
N TRP D 224 5.44 -13.94 21.42
CA TRP D 224 6.82 -13.73 21.88
C TRP D 224 7.80 -13.91 20.73
N HIS D 225 7.60 -13.12 19.69
CA HIS D 225 8.46 -13.18 18.50
C HIS D 225 9.86 -12.69 18.85
N HIS D 226 10.87 -13.44 18.40
CA HIS D 226 12.25 -13.03 18.60
C HIS D 226 13.05 -13.35 17.34
N LEU D 227 14.11 -12.58 17.12
CA LEU D 227 14.94 -12.71 15.93
C LEU D 227 16.37 -13.00 16.37
N ARG D 228 17.06 -13.84 15.61
CA ARG D 228 18.43 -14.23 15.89
C ARG D 228 19.30 -13.82 14.71
N ILE D 229 20.09 -12.76 14.91
CA ILE D 229 20.99 -12.26 13.87
C ILE D 229 22.33 -12.98 14.03
N LEU D 230 22.72 -13.72 13.00
CA LEU D 230 23.89 -14.58 13.07
C LEU D 230 25.00 -14.08 12.15
N ARG D 231 26.24 -14.43 12.50
CA ARG D 231 27.39 -14.17 11.66
C ARG D 231 28.36 -15.34 11.84
N PHE D 232 28.69 -16.02 10.76
CA PHE D 232 29.60 -17.15 10.80
C PHE D 232 30.90 -16.82 10.10
N PRO D 233 32.04 -17.02 10.74
CA PRO D 233 33.32 -16.65 10.11
C PRO D 233 33.79 -17.68 9.10
N GLN D 234 35.01 -17.49 8.58
CA GLN D 234 35.57 -18.43 7.62
C GLN D 234 35.98 -19.72 8.33
N ASN D 235 36.31 -20.73 7.52
CA ASN D 235 36.70 -22.03 8.03
C ASN D 235 38.14 -22.10 8.51
N ASN D 236 38.86 -20.98 8.50
CA ASN D 236 40.25 -20.96 8.96
C ASN D 236 40.47 -19.83 9.96
N LYS D 244 35.38 -26.21 10.28
CA LYS D 244 34.61 -26.98 11.24
C LYS D 244 33.14 -26.58 11.22
N GLY D 245 32.55 -26.45 12.41
CA GLY D 245 31.15 -26.08 12.51
C GLY D 245 30.88 -25.04 13.58
N ARG D 246 29.62 -24.88 13.96
CA ARG D 246 29.22 -23.92 14.98
C ARG D 246 28.54 -24.65 16.13
N GLY D 247 28.86 -24.23 17.35
CA GLY D 247 28.29 -24.84 18.53
C GLY D 247 27.55 -23.85 19.42
N ILE D 248 27.48 -22.59 18.98
CA ILE D 248 26.79 -21.58 19.76
C ILE D 248 25.28 -21.82 19.73
N GLY D 249 24.74 -22.20 18.58
CA GLY D 249 23.33 -22.49 18.47
C GLY D 249 22.94 -23.76 19.21
N SER D 250 23.11 -24.90 18.55
CA SER D 250 22.82 -26.21 19.13
C SER D 250 21.39 -26.28 19.65
N HIS D 251 20.44 -25.98 18.77
CA HIS D 251 19.03 -25.99 19.13
C HIS D 251 18.21 -26.45 17.93
N THR D 252 17.12 -27.16 18.21
CA THR D 252 16.12 -27.44 17.19
C THR D 252 15.40 -26.13 16.88
N ASP D 253 14.11 -26.04 17.23
CA ASP D 253 13.40 -24.79 17.06
C ASP D 253 12.30 -24.71 18.12
N TYR D 254 12.45 -23.78 19.07
CA TYR D 254 11.44 -23.59 20.10
C TYR D 254 10.44 -22.57 19.56
N GLY D 255 9.49 -23.07 18.77
CA GLY D 255 8.50 -22.17 18.18
C GLY D 255 7.66 -22.92 17.17
N LEU D 256 6.73 -22.15 16.59
CA LEU D 256 5.86 -22.68 15.53
C LEU D 256 6.61 -22.76 14.20
N LEU D 257 6.93 -21.60 13.63
CA LEU D 257 7.59 -21.50 12.34
C LEU D 257 8.88 -20.69 12.47
N VAL D 258 9.90 -21.10 11.72
CA VAL D 258 11.20 -20.43 11.71
C VAL D 258 11.44 -19.91 10.31
N ILE D 259 11.49 -18.60 10.16
CA ILE D 259 11.76 -17.95 8.88
C ILE D 259 13.23 -17.59 8.83
N ALA D 260 13.96 -18.17 7.89
CA ALA D 260 15.40 -18.00 7.78
C ALA D 260 15.74 -17.39 6.44
N ALA D 261 16.60 -16.39 6.45
CA ALA D 261 17.10 -15.74 5.24
C ALA D 261 18.62 -15.72 5.26
N GLN D 262 19.23 -15.95 4.10
CA GLN D 262 20.68 -16.05 3.98
C GLN D 262 21.14 -15.25 2.76
N ASP D 263 22.45 -15.11 2.62
CA ASP D 263 23.07 -14.40 1.52
C ASP D 263 23.47 -15.38 0.42
N GLU D 264 24.44 -15.00 -0.40
CA GLU D 264 24.87 -15.83 -1.52
C GLU D 264 25.97 -16.82 -1.15
N VAL D 265 26.52 -16.73 0.07
CA VAL D 265 27.59 -17.65 0.46
C VAL D 265 27.03 -19.04 0.70
N GLY D 266 26.00 -19.15 1.53
CA GLY D 266 25.35 -20.41 1.79
C GLY D 266 26.09 -21.27 2.80
N GLY D 267 25.37 -22.25 3.34
CA GLY D 267 25.92 -23.16 4.31
C GLY D 267 24.90 -23.73 5.26
N LEU D 268 23.62 -23.63 4.91
CA LEU D 268 22.54 -24.12 5.75
C LEU D 268 22.18 -25.55 5.33
N PHE D 269 22.07 -26.43 6.32
CA PHE D 269 21.70 -27.82 6.11
C PHE D 269 20.49 -28.16 6.96
N ILE D 270 19.62 -29.02 6.44
CA ILE D 270 18.40 -29.44 7.13
C ILE D 270 18.30 -30.96 7.05
N ARG D 271 17.40 -31.51 7.86
CA ARG D 271 17.16 -32.95 7.90
C ARG D 271 15.74 -33.22 7.47
N PRO D 272 15.52 -33.93 6.37
CA PRO D 272 14.16 -34.18 5.89
C PRO D 272 13.44 -35.16 6.80
N PRO D 273 12.10 -35.23 6.72
CA PRO D 273 11.37 -36.22 7.51
C PRO D 273 11.70 -37.63 7.08
N ALA D 274 11.53 -38.56 8.00
CA ALA D 274 11.81 -39.98 7.73
C ALA D 274 10.78 -40.87 8.43
N GLU D 294 24.52 -37.94 8.69
CA GLU D 294 23.88 -39.19 8.32
C GLU D 294 23.11 -39.05 7.02
N ARG D 295 22.25 -38.03 6.95
CA ARG D 295 21.45 -37.77 5.76
C ARG D 295 21.06 -36.31 5.68
N TRP D 296 22.05 -35.41 5.75
CA TRP D 296 21.79 -33.99 5.67
C TRP D 296 21.62 -33.56 4.22
N VAL D 297 20.86 -32.47 4.03
CA VAL D 297 20.55 -31.93 2.72
C VAL D 297 20.94 -30.46 2.71
N TYR D 298 21.71 -30.06 1.69
CA TYR D 298 22.17 -28.69 1.58
C TYR D 298 21.09 -27.80 0.96
N VAL D 299 20.87 -26.64 1.56
CA VAL D 299 19.90 -25.65 1.09
C VAL D 299 20.65 -24.63 0.25
N PRO D 300 20.46 -24.61 -1.07
CA PRO D 300 21.22 -23.67 -1.90
C PRO D 300 20.69 -22.25 -1.75
N PRO D 301 21.56 -21.25 -1.80
CA PRO D 301 21.11 -19.86 -1.69
C PRO D 301 20.39 -19.43 -2.96
N VAL D 302 19.15 -18.97 -2.81
CA VAL D 302 18.36 -18.44 -3.91
C VAL D 302 18.04 -17.00 -3.59
N PRO D 303 18.39 -16.04 -4.47
CA PRO D 303 18.15 -14.63 -4.16
C PRO D 303 16.67 -14.29 -4.19
N GLY D 304 16.24 -13.48 -3.21
CA GLY D 304 14.89 -12.96 -3.19
C GLY D 304 13.85 -13.84 -2.53
N VAL D 305 14.26 -14.87 -1.79
CA VAL D 305 13.33 -15.76 -1.10
C VAL D 305 13.87 -16.06 0.28
N PHE D 306 12.98 -16.40 1.20
CA PHE D 306 13.36 -16.89 2.52
C PHE D 306 12.77 -18.28 2.74
N THR D 307 13.43 -19.05 3.60
CA THR D 307 13.06 -20.43 3.87
C THR D 307 12.29 -20.53 5.19
N VAL D 308 11.26 -21.36 5.19
CA VAL D 308 10.40 -21.56 6.36
C VAL D 308 10.34 -23.05 6.67
N PHE D 309 10.61 -23.40 7.92
CA PHE D 309 10.52 -24.78 8.39
C PHE D 309 9.94 -24.82 9.79
N PRO D 310 9.11 -25.81 10.09
CA PRO D 310 8.45 -25.86 11.41
C PRO D 310 9.43 -26.21 12.51
N GLY D 311 8.93 -26.11 13.74
CA GLY D 311 9.75 -26.40 14.91
C GLY D 311 9.15 -27.45 15.83
N ASP D 312 9.50 -27.39 17.12
CA ASP D 312 9.05 -28.39 18.07
C ASP D 312 7.60 -28.17 18.47
N ILE D 313 7.19 -26.92 18.65
CA ILE D 313 5.81 -26.64 19.07
C ILE D 313 4.84 -27.04 17.98
N MET D 314 5.23 -26.93 16.71
CA MET D 314 4.37 -27.36 15.62
C MET D 314 4.25 -28.88 15.58
N GLN D 315 5.36 -29.58 15.84
CA GLN D 315 5.34 -31.03 15.89
C GLN D 315 4.49 -31.55 17.05
N PHE D 316 4.49 -30.82 18.18
CA PHE D 316 3.71 -31.24 19.34
C PHE D 316 2.22 -31.17 19.07
N MET D 317 1.77 -30.13 18.38
CA MET D 317 0.33 -29.94 18.16
C MET D 317 -0.21 -30.83 17.05
N THR D 318 0.62 -31.20 16.08
CA THR D 318 0.16 -31.93 14.90
C THR D 318 0.48 -33.42 14.95
N ASN D 319 1.09 -33.91 16.03
CA ASN D 319 1.48 -35.32 16.17
C ASN D 319 2.44 -35.72 15.04
N SER D 320 3.53 -34.96 14.94
CA SER D 320 4.58 -35.17 13.95
C SER D 320 4.08 -35.09 12.52
N TYR D 321 2.88 -34.52 12.31
CA TYR D 321 2.39 -34.30 10.95
C TYR D 321 3.25 -33.28 10.23
N LEU D 322 3.50 -32.13 10.88
CA LEU D 322 4.47 -31.15 10.42
C LEU D 322 5.70 -31.28 11.32
N PRO D 323 6.72 -32.03 10.93
CA PRO D 323 7.79 -32.36 11.86
C PRO D 323 8.73 -31.18 12.13
N SER D 324 9.43 -31.28 13.26
CA SER D 324 10.45 -30.31 13.60
C SER D 324 11.70 -30.58 12.76
N THR D 325 12.17 -29.55 12.06
CA THR D 325 13.29 -29.73 11.13
C THR D 325 14.57 -29.27 11.80
N PRO D 326 15.51 -30.16 12.10
CA PRO D 326 16.80 -29.73 12.63
C PRO D 326 17.62 -29.03 11.55
N HIS D 327 18.48 -28.12 11.98
CA HIS D 327 19.30 -27.35 11.05
C HIS D 327 20.70 -27.17 11.63
N LYS D 328 21.71 -27.33 10.78
CA LYS D 328 23.10 -27.10 11.14
C LYS D 328 23.74 -26.22 10.08
N VAL D 329 24.76 -25.48 10.50
CA VAL D 329 25.47 -24.54 9.63
C VAL D 329 26.92 -24.99 9.50
N GLY D 330 27.43 -24.96 8.27
CA GLY D 330 28.80 -25.33 7.99
C GLY D 330 29.60 -24.11 7.57
N LEU D 331 30.84 -24.04 8.03
CA LEU D 331 31.71 -22.91 7.71
C LEU D 331 32.19 -22.99 6.27
N ASN D 332 32.03 -21.90 5.54
CA ASN D 332 32.41 -21.82 4.14
C ASN D 332 33.75 -21.11 4.01
N THR D 333 34.15 -20.80 2.77
CA THR D 333 35.41 -20.13 2.53
C THR D 333 35.38 -18.65 2.90
N ARG D 334 34.20 -18.06 2.95
CA ARG D 334 34.04 -16.66 3.32
C ARG D 334 33.03 -16.55 4.46
N GLU D 335 33.01 -15.38 5.09
CA GLU D 335 32.08 -15.13 6.18
C GLU D 335 30.65 -15.06 5.67
N ARG D 336 29.71 -15.55 6.47
CA ARG D 336 28.31 -15.63 6.10
C ARG D 336 27.45 -14.90 7.12
N PHE D 337 26.49 -14.12 6.64
CA PHE D 337 25.53 -13.42 7.47
C PHE D 337 24.14 -13.95 7.17
N ALA D 338 23.37 -14.24 8.21
CA ALA D 338 22.04 -14.82 8.05
C ALA D 338 21.14 -14.35 9.18
N PHE D 339 19.84 -14.56 8.98
CA PHE D 339 18.82 -14.22 9.96
C PHE D 339 18.01 -15.45 10.33
N ALA D 340 17.45 -15.44 11.53
CA ALA D 340 16.62 -16.55 12.02
C ALA D 340 15.47 -15.95 12.82
N TYR D 341 14.30 -15.86 12.19
CA TYR D 341 13.11 -15.32 12.83
C TYR D 341 12.25 -16.45 13.38
N PHE D 342 11.69 -16.24 14.57
CA PHE D 342 10.88 -17.23 15.25
C PHE D 342 9.50 -16.63 15.55
N HIS D 343 8.50 -17.04 14.79
CA HIS D 343 7.12 -16.65 15.06
C HIS D 343 6.58 -17.55 16.16
N GLU D 344 6.31 -16.97 17.33
CA GLU D 344 6.03 -17.72 18.54
C GLU D 344 4.68 -17.30 19.12
N PRO D 345 4.04 -18.17 19.90
CA PRO D 345 2.81 -17.76 20.61
C PRO D 345 3.11 -16.76 21.70
N SER D 346 2.06 -16.25 22.34
CA SER D 346 2.24 -15.31 23.45
C SER D 346 2.94 -16.00 24.61
N PHE D 347 3.68 -15.21 25.39
CA PHE D 347 4.38 -15.75 26.55
C PHE D 347 3.42 -16.34 27.57
N GLN D 348 2.17 -15.86 27.57
CA GLN D 348 1.15 -16.35 28.49
C GLN D 348 0.28 -17.44 27.89
N ALA D 349 0.37 -17.69 26.59
CA ALA D 349 -0.49 -18.67 25.95
C ALA D 349 -0.05 -20.09 26.29
N VAL D 350 -1.02 -20.98 26.45
CA VAL D 350 -0.78 -22.39 26.74
C VAL D 350 -1.28 -23.19 25.55
N VAL D 351 -0.36 -23.78 24.79
CA VAL D 351 -0.73 -24.53 23.60
C VAL D 351 -1.21 -25.92 24.01
N SER D 352 -2.10 -26.49 23.21
CA SER D 352 -2.65 -27.81 23.44
C SER D 352 -2.72 -28.55 22.11
N PRO D 353 -2.54 -29.87 22.12
CA PRO D 353 -2.57 -30.63 20.86
C PRO D 353 -3.93 -30.54 20.19
N VAL D 354 -3.92 -30.63 18.87
CA VAL D 354 -5.15 -30.62 18.09
C VAL D 354 -5.79 -32.00 18.18
N ALA D 355 -7.05 -32.05 18.62
CA ALA D 355 -7.74 -33.33 18.74
C ALA D 355 -8.03 -33.94 17.38
N LYS D 356 -8.13 -33.12 16.33
CA LYS D 356 -8.39 -33.65 14.99
C LYS D 356 -7.17 -34.38 14.44
N LEU D 357 -5.98 -33.80 14.61
CA LEU D 357 -4.76 -34.40 14.09
C LEU D 357 -4.26 -35.56 14.94
N TYR D 358 -4.97 -35.89 16.02
CA TYR D 358 -4.66 -37.05 16.85
C TYR D 358 -5.79 -38.04 16.71
N ASP D 359 -5.46 -39.28 16.38
CA ASP D 359 -6.46 -40.33 16.33
C ASP D 359 -7.10 -40.50 17.70
N GLY D 360 -8.42 -40.44 17.74
CA GLY D 360 -9.13 -40.60 18.99
C GLY D 360 -8.85 -39.45 19.94
N GLN D 361 -8.43 -39.77 21.15
CA GLN D 361 -8.17 -38.75 22.16
C GLN D 361 -6.70 -38.35 22.14
N PRO D 362 -6.41 -37.05 22.24
CA PRO D 362 -5.02 -36.61 22.29
C PRO D 362 -4.47 -36.69 23.70
N PRO D 363 -3.15 -36.71 23.86
CA PRO D 363 -2.58 -36.72 25.22
C PRO D 363 -2.92 -35.41 25.94
N VAL D 364 -3.27 -35.55 27.23
CA VAL D 364 -3.77 -34.40 28.00
C VAL D 364 -2.66 -33.44 28.41
N GLU D 365 -1.43 -33.67 27.99
CA GLU D 365 -0.35 -32.74 28.30
C GLU D 365 -0.56 -31.41 27.58
N LYS D 366 -0.03 -30.35 28.17
CA LYS D 366 -0.12 -29.01 27.61
C LYS D 366 1.19 -28.28 27.84
N ILE D 367 1.63 -27.54 26.84
CA ILE D 367 2.91 -26.83 26.88
C ILE D 367 2.63 -25.34 27.07
N HIS D 368 3.10 -24.79 28.18
CA HIS D 368 3.09 -23.35 28.40
C HIS D 368 4.34 -22.78 27.77
N TYR D 369 4.17 -21.94 26.74
CA TYR D 369 5.33 -21.49 25.98
C TYR D 369 6.28 -20.65 26.84
N GLY D 370 5.73 -19.90 27.81
CA GLY D 370 6.58 -19.13 28.69
C GLY D 370 7.56 -19.99 29.47
N THR D 371 7.10 -21.15 29.95
CA THR D 371 8.00 -22.07 30.63
C THR D 371 8.94 -22.75 29.63
N HIS D 372 8.44 -23.03 28.41
CA HIS D 372 9.30 -23.65 27.40
C HIS D 372 10.39 -22.70 26.94
N PHE D 373 10.06 -21.41 26.83
CA PHE D 373 11.05 -20.43 26.39
C PHE D 373 12.16 -20.27 27.42
N THR D 374 11.80 -20.13 28.70
CA THR D 374 12.81 -19.92 29.73
C THR D 374 13.70 -21.15 29.91
N ASN D 375 13.13 -22.35 29.79
CA ASN D 375 13.92 -23.55 29.96
C ASN D 375 14.94 -23.73 28.85
N MET D 376 14.62 -23.25 27.63
CA MET D 376 15.56 -23.39 26.53
C MET D 376 16.69 -22.38 26.61
N PHE D 377 16.39 -21.15 27.03
CA PHE D 377 17.42 -20.12 27.12
C PHE D 377 18.28 -20.27 28.36
N MET D 378 17.72 -20.82 29.45
CA MET D 378 18.54 -21.08 30.64
C MET D 378 19.52 -22.22 30.41
N ARG D 379 19.20 -23.14 29.50
CA ARG D 379 20.09 -24.26 29.20
C ARG D 379 21.13 -23.93 28.14
N ASN D 380 20.76 -23.13 27.14
CA ASN D 380 21.69 -22.78 26.07
C ASN D 380 22.73 -21.77 26.53
N TYR D 381 22.33 -20.81 27.38
CA TYR D 381 23.20 -19.75 27.86
C TYR D 381 23.25 -19.82 29.38
N PRO D 382 24.04 -20.72 29.94
CA PRO D 382 24.07 -20.88 31.41
C PRO D 382 24.89 -19.80 32.10
N ASP D 383 26.02 -19.42 31.52
CA ASP D 383 26.93 -18.46 32.12
C ASP D 383 26.54 -17.00 31.86
N ARG D 384 25.34 -16.76 31.35
CA ARG D 384 24.89 -15.41 31.07
C ARG D 384 24.37 -14.73 32.33
N ILE D 385 24.55 -13.41 32.39
CA ILE D 385 24.09 -12.64 33.54
C ILE D 385 22.57 -12.63 33.65
N THR D 386 21.86 -12.85 32.55
CA THR D 386 20.40 -12.90 32.60
C THR D 386 19.91 -14.12 33.37
N THR D 387 20.60 -15.25 33.24
CA THR D 387 20.20 -16.45 33.94
C THR D 387 20.38 -16.31 35.45
N GLU D 388 21.47 -15.65 35.87
CA GLU D 388 21.73 -15.50 37.30
C GLU D 388 20.66 -14.65 37.99
N ARG D 389 20.09 -13.67 37.27
CA ARG D 389 19.07 -12.82 37.89
C ARG D 389 17.76 -13.57 38.07
N ILE D 390 17.39 -14.43 37.12
CA ILE D 390 16.17 -15.22 37.24
C ILE D 390 16.27 -16.17 38.43
N ILE D 391 17.47 -16.68 38.70
CA ILE D 391 17.65 -17.61 39.82
C ILE D 391 17.78 -16.86 41.14
N LYS D 392 18.54 -15.77 41.16
CA LYS D 392 18.74 -15.02 42.40
C LYS D 392 17.46 -14.35 42.86
N GLU D 393 16.78 -13.66 41.95
CA GLU D 393 15.53 -12.99 42.28
C GLU D 393 14.34 -13.94 42.36
N ASP D 394 14.56 -15.23 42.09
CA ASP D 394 13.51 -16.25 42.16
C ASP D 394 12.33 -15.89 41.25
N ARG D 395 12.66 -15.57 39.99
CA ARG D 395 11.64 -15.23 39.00
C ARG D 395 10.91 -16.45 38.47
N LEU D 396 11.43 -17.66 38.69
CA LEU D 396 10.78 -18.87 38.19
C LEU D 396 9.46 -19.16 38.89
N GLN D 397 9.25 -18.62 40.09
CA GLN D 397 7.99 -18.84 40.80
C GLN D 397 6.81 -18.17 40.10
N LEU D 398 7.05 -17.18 39.25
CA LEU D 398 5.97 -16.51 38.54
C LEU D 398 5.40 -17.37 37.41
N LEU D 399 6.18 -18.31 36.89
CA LEU D 399 5.71 -19.14 35.79
C LEU D 399 4.56 -20.06 36.20
N ASP D 400 4.39 -20.31 37.50
CA ASP D 400 3.30 -21.15 37.98
C ASP D 400 2.04 -20.36 38.33
N ARG D 401 2.13 -19.03 38.41
CA ARG D 401 0.98 -18.22 38.76
C ARG D 401 0.03 -18.10 37.58
N PRO D 402 -1.28 -17.97 37.85
CA PRO D 402 -2.26 -17.93 36.75
C PRO D 402 -2.17 -16.69 35.88
N GLU D 403 -1.63 -15.57 36.39
CA GLU D 403 -1.53 -14.37 35.57
C GLU D 403 -0.59 -14.54 34.39
N LEU D 404 0.34 -15.49 34.47
CA LEU D 404 1.25 -15.78 33.37
C LEU D 404 0.75 -16.92 32.49
N ARG D 405 -0.46 -17.40 32.71
CA ARG D 405 -1.01 -18.54 31.97
C ARG D 405 -2.38 -18.23 31.39
N THR D 406 -2.59 -16.98 30.99
CA THR D 406 -3.87 -16.57 30.41
C THR D 406 -3.87 -16.77 28.89
#